data_1UR9
#
_entry.id   1UR9
#
_cell.length_a   55.524
_cell.length_b   104.177
_cell.length_c   185.992
_cell.angle_alpha   90.00
_cell.angle_beta   90.00
_cell.angle_gamma   90.00
#
_symmetry.space_group_name_H-M   'P 21 21 21'
#
loop_
_entity.id
_entity.type
_entity.pdbx_description
1 polymer 'CHITINASE B'
2 branched 2-acetamido-2-deoxy-beta-D-glucopyranose-(1-4)-2-(acetylamido)-2-deoxy-D-glucono-1,5-lactone
3 non-polymer GLYCEROL
4 non-polymer 'SULFATE ION'
5 non-polymer N-[(AMINOOXY)CARBONYL]-N-PHENYLAMINE
6 water water
#
_entity_poly.entity_id   1
_entity_poly.type   'polypeptide(L)'
_entity_poly.pdbx_seq_one_letter_code
;MSTRKAVIGYYFIPTNQINNYTETDTSVVPFPVSNITPAKAKQLTHINFSFLDINSNLECAWDPATNDAKARDVVNRLTA
LKAHNPSLRIMFSIGGWYYSNDLGVSHANYVNAVKTPASRAKFAQSCVRIMKDYGFDGVDINWEYPQAAEVDGFIAALQE
IRTLLNQQTITDGRQALPYQLTIAGAGGAFFLSRYYSKLAQIVAPLDYINLMTYDLAGPWEKVTNHQAALFGDAAGPTFY
NALREANLGWSWEELTRAFPSPFSLTVDAAVQQHLMMEGVPSAKIVMGVPFYGRAFKGVSGGNGGQYSSHSTPGEDPYPS
TDYWLVGCEECVRDKDPRIASYRQLEQMLQGNYGYQRLWNDKTKTPYLYHAQNGLFVTYDDAESFKYKAKYIKQQQLGGV
MFWHLGQDNRNGDLLAALDRYFNAADYDDSQLDMGTGLRYTGVGPGNLPIMTAPAYVPGTTYAQGALVSYQGYVWQTKWG
YITSAPGSDSAWLKVGRVR
;
_entity_poly.pdbx_strand_id   A,B
#
# COMPACT_ATOMS: atom_id res chain seq x y z
N THR A 3 -0.55 37.79 7.20
CA THR A 3 0.88 37.54 6.85
C THR A 3 1.10 37.76 5.36
N ARG A 4 2.13 38.52 5.02
CA ARG A 4 2.43 38.82 3.63
C ARG A 4 2.83 37.55 2.90
N LYS A 5 2.36 37.42 1.66
CA LYS A 5 2.73 36.24 0.87
C LYS A 5 4.14 36.44 0.30
N ALA A 6 4.94 35.38 0.30
CA ALA A 6 6.28 35.48 -0.26
C ALA A 6 6.17 35.59 -1.78
N VAL A 7 7.12 36.31 -2.38
CA VAL A 7 7.19 36.46 -3.83
C VAL A 7 8.66 36.24 -4.04
N ILE A 8 8.97 35.01 -4.41
CA ILE A 8 10.34 34.57 -4.57
C ILE A 8 10.75 34.44 -6.02
N GLY A 9 11.59 35.36 -6.47
CA GLY A 9 12.03 35.30 -7.85
C GLY A 9 13.44 34.74 -8.02
N TYR A 10 13.56 33.58 -8.67
CA TYR A 10 14.91 33.07 -8.93
C TYR A 10 15.42 34.07 -9.97
N TYR A 11 16.72 34.33 -9.99
CA TYR A 11 17.33 35.25 -10.96
C TYR A 11 18.56 34.51 -11.44
N PHE A 12 18.53 34.08 -12.70
CA PHE A 12 19.64 33.30 -13.24
C PHE A 12 20.48 34.12 -14.21
N ILE A 13 21.77 34.14 -13.96
CA ILE A 13 22.68 34.86 -14.84
C ILE A 13 23.85 33.91 -15.04
N PRO A 14 24.02 33.41 -16.27
CA PRO A 14 25.11 32.48 -16.59
C PRO A 14 26.51 33.04 -16.34
N THR A 15 27.45 32.15 -16.09
CA THR A 15 28.83 32.53 -15.82
C THR A 15 29.42 33.49 -16.85
N ASN A 16 29.10 33.29 -18.12
CA ASN A 16 29.65 34.18 -19.13
C ASN A 16 29.12 35.59 -18.93
N GLN A 17 27.85 35.71 -18.57
CA GLN A 17 27.26 37.02 -18.34
C GLN A 17 27.87 37.67 -17.11
N ILE A 18 28.27 36.87 -16.14
CA ILE A 18 28.91 37.37 -14.93
C ILE A 18 30.28 37.93 -15.33
N ASN A 19 30.91 37.26 -16.30
CA ASN A 19 32.23 37.66 -16.77
C ASN A 19 32.25 38.86 -17.71
N ASN A 20 31.16 39.07 -18.45
CA ASN A 20 31.07 40.19 -19.36
C ASN A 20 29.95 41.10 -18.91
N TYR A 21 29.70 41.11 -17.61
CA TYR A 21 28.61 41.91 -17.05
C TYR A 21 28.56 43.35 -17.50
N THR A 22 27.39 43.75 -18.00
CA THR A 22 27.18 45.13 -18.44
C THR A 22 25.73 45.51 -18.20
N GLU A 23 25.54 46.69 -17.63
CA GLU A 23 24.21 47.22 -17.38
C GLU A 23 23.79 47.94 -18.64
N THR A 24 24.69 47.97 -19.62
CA THR A 24 24.42 48.72 -20.85
C THR A 24 24.51 48.02 -22.22
N ASP A 25 23.89 46.86 -22.37
CA ASP A 25 23.93 46.16 -23.66
C ASP A 25 23.09 44.87 -23.64
N THR A 26 21.86 44.97 -24.12
CA THR A 26 20.94 43.85 -24.15
C THR A 26 21.51 42.61 -24.85
N SER A 27 22.43 42.80 -25.79
CA SER A 27 23.01 41.68 -26.51
C SER A 27 24.01 40.88 -25.68
N VAL A 28 24.58 41.51 -24.66
CA VAL A 28 25.55 40.85 -23.79
C VAL A 28 24.90 40.26 -22.53
N VAL A 29 24.15 41.11 -21.83
CA VAL A 29 23.43 40.72 -20.63
C VAL A 29 22.03 41.23 -20.90
N PRO A 30 21.13 40.33 -21.31
CA PRO A 30 19.73 40.65 -21.63
C PRO A 30 18.95 41.27 -20.51
N PHE A 31 19.28 40.90 -19.28
CA PHE A 31 18.55 41.43 -18.14
C PHE A 31 19.49 41.71 -16.97
N PRO A 32 20.15 42.88 -16.98
CA PRO A 32 21.06 43.23 -15.89
C PRO A 32 20.27 43.69 -14.66
N VAL A 33 20.96 43.82 -13.52
CA VAL A 33 20.33 44.23 -12.28
C VAL A 33 19.61 45.57 -12.35
N SER A 34 20.10 46.51 -13.17
CA SER A 34 19.47 47.83 -13.26
C SER A 34 18.00 47.75 -13.69
N ASN A 35 17.60 46.62 -14.28
CA ASN A 35 16.21 46.43 -14.70
C ASN A 35 15.34 46.41 -13.43
N ILE A 36 15.94 46.02 -12.31
CA ILE A 36 15.22 45.94 -11.04
C ILE A 36 15.20 47.29 -10.30
N THR A 37 14.24 48.11 -10.66
CA THR A 37 14.07 49.43 -10.08
C THR A 37 13.60 49.32 -8.64
N PRO A 38 13.64 50.44 -7.89
CA PRO A 38 13.19 50.39 -6.51
C PRO A 38 11.76 49.83 -6.41
N ALA A 39 10.90 50.25 -7.33
CA ALA A 39 9.51 49.77 -7.31
C ALA A 39 9.44 48.25 -7.46
N LYS A 40 10.28 47.70 -8.32
CA LYS A 40 10.27 46.26 -8.55
C LYS A 40 10.88 45.58 -7.34
N ALA A 41 11.92 46.17 -6.77
CA ALA A 41 12.54 45.59 -5.58
C ALA A 41 11.52 45.51 -4.43
N LYS A 42 10.54 46.41 -4.43
CA LYS A 42 9.51 46.40 -3.38
C LYS A 42 8.46 45.32 -3.59
N GLN A 43 8.37 44.83 -4.83
CA GLN A 43 7.40 43.79 -5.21
C GLN A 43 7.91 42.37 -4.88
N LEU A 44 9.20 42.26 -4.63
CA LEU A 44 9.83 40.98 -4.30
C LEU A 44 10.05 40.84 -2.80
N THR A 45 10.07 39.62 -2.31
CA THR A 45 10.41 39.39 -0.91
C THR A 45 11.73 38.63 -0.92
N HIS A 46 11.99 37.91 -2.01
CA HIS A 46 13.23 37.14 -2.13
C HIS A 46 13.71 37.09 -3.55
N ILE A 47 15.03 37.18 -3.72
CA ILE A 47 15.63 36.97 -5.05
C ILE A 47 16.59 35.79 -4.84
N ASN A 48 16.39 34.71 -5.58
CA ASN A 48 17.28 33.56 -5.45
C ASN A 48 18.33 33.67 -6.53
N PHE A 49 19.47 34.23 -6.18
CA PHE A 49 20.52 34.34 -7.19
C PHE A 49 20.93 32.92 -7.59
N SER A 50 20.94 32.66 -8.90
CA SER A 50 21.26 31.32 -9.43
C SER A 50 22.32 31.37 -10.53
N PHE A 51 23.23 30.41 -10.56
CA PHE A 51 23.35 29.34 -9.58
C PHE A 51 24.78 29.27 -9.12
N LEU A 52 24.96 28.81 -7.89
CA LEU A 52 26.29 28.54 -7.37
C LEU A 52 26.26 27.03 -7.51
N ASP A 53 27.38 26.37 -7.26
CA ASP A 53 27.42 24.93 -7.49
C ASP A 53 28.16 24.31 -6.33
N ILE A 54 28.53 23.04 -6.47
CA ILE A 54 29.30 22.34 -5.45
C ILE A 54 30.55 21.86 -6.23
N ASN A 55 31.75 22.23 -5.77
CA ASN A 55 32.98 21.84 -6.46
C ASN A 55 33.54 20.48 -6.04
N SER A 56 34.70 20.11 -6.59
CA SER A 56 35.30 18.82 -6.28
C SER A 56 35.89 18.74 -4.87
N ASN A 57 36.02 19.88 -4.20
CA ASN A 57 36.51 19.90 -2.82
C ASN A 57 35.26 19.67 -1.96
N LEU A 58 34.13 19.49 -2.62
CA LEU A 58 32.84 19.23 -1.98
C LEU A 58 32.31 20.38 -1.12
N GLU A 59 32.59 21.59 -1.58
CA GLU A 59 32.15 22.77 -0.89
C GLU A 59 31.33 23.60 -1.86
N CYS A 60 30.53 24.48 -1.29
CA CYS A 60 29.73 25.37 -2.07
C CYS A 60 30.69 26.31 -2.76
N ALA A 61 30.52 26.53 -4.06
CA ALA A 61 31.44 27.41 -4.75
C ALA A 61 30.91 27.95 -6.04
N TRP A 62 31.47 29.09 -6.47
CA TRP A 62 31.09 29.69 -7.72
C TRP A 62 31.71 28.85 -8.81
N ASP A 63 31.14 28.93 -10.00
CA ASP A 63 31.67 28.16 -11.10
C ASP A 63 33.12 28.58 -11.34
N PRO A 64 34.04 27.61 -11.38
CA PRO A 64 35.47 27.83 -11.60
C PRO A 64 35.79 28.87 -12.66
N ALA A 65 34.93 28.96 -13.68
CA ALA A 65 35.13 29.91 -14.76
C ALA A 65 34.66 31.32 -14.40
N THR A 66 34.13 31.49 -13.20
CA THR A 66 33.66 32.80 -12.77
C THR A 66 34.81 33.66 -12.28
N ASN A 67 34.90 34.88 -12.80
CA ASN A 67 35.92 35.79 -12.34
C ASN A 67 35.23 36.55 -11.21
N ASP A 68 35.72 36.30 -10.00
CA ASP A 68 35.19 36.86 -8.77
C ASP A 68 34.84 38.34 -8.71
N ALA A 69 35.74 39.21 -9.17
CA ALA A 69 35.47 40.64 -9.14
C ALA A 69 34.09 40.96 -9.71
N LYS A 70 33.82 40.40 -10.89
CA LYS A 70 32.54 40.59 -11.56
C LYS A 70 31.40 40.04 -10.72
N ALA A 71 31.58 38.81 -10.26
CA ALA A 71 30.58 38.15 -9.44
C ALA A 71 30.16 39.02 -8.26
N ARG A 72 31.14 39.47 -7.49
CA ARG A 72 30.84 40.30 -6.32
C ARG A 72 30.16 41.60 -6.69
N ASP A 73 30.55 42.17 -7.82
CA ASP A 73 29.92 43.42 -8.25
C ASP A 73 28.44 43.17 -8.52
N VAL A 74 28.13 42.01 -9.10
CA VAL A 74 26.75 41.65 -9.41
C VAL A 74 25.94 41.34 -8.15
N VAL A 75 26.52 40.57 -7.24
CA VAL A 75 25.86 40.23 -5.96
C VAL A 75 25.64 41.53 -5.16
N ASN A 76 26.59 42.46 -5.24
CA ASN A 76 26.48 43.73 -4.52
C ASN A 76 25.36 44.61 -5.07
N ARG A 77 25.19 44.61 -6.39
CA ARG A 77 24.13 45.43 -6.98
C ARG A 77 22.79 44.88 -6.48
N LEU A 78 22.73 43.56 -6.34
CA LEU A 78 21.51 42.91 -5.85
C LEU A 78 21.26 43.23 -4.39
N THR A 79 22.27 43.06 -3.56
CA THR A 79 22.12 43.35 -2.13
C THR A 79 21.86 44.85 -1.89
N ALA A 80 22.26 45.69 -2.85
CA ALA A 80 22.05 47.13 -2.80
C ALA A 80 20.54 47.41 -2.92
N LEU A 81 19.80 46.49 -3.53
CA LEU A 81 18.36 46.70 -3.68
C LEU A 81 17.65 46.64 -2.33
N LYS A 82 18.29 46.06 -1.33
CA LYS A 82 17.65 45.95 -0.02
C LYS A 82 17.42 47.33 0.57
N ALA A 83 18.13 48.32 0.05
CA ALA A 83 17.95 49.68 0.52
C ALA A 83 16.52 50.11 0.23
N HIS A 84 15.92 49.56 -0.82
CA HIS A 84 14.55 49.92 -1.19
C HIS A 84 13.45 49.06 -0.58
N ASN A 85 13.82 47.97 0.10
CA ASN A 85 12.82 47.08 0.68
C ASN A 85 13.43 46.34 1.86
N PRO A 86 13.05 46.73 3.09
CA PRO A 86 13.57 46.12 4.31
C PRO A 86 13.23 44.65 4.59
N SER A 87 12.33 44.09 3.79
CA SER A 87 11.94 42.69 3.96
C SER A 87 12.64 41.83 2.91
N LEU A 88 13.30 42.47 1.95
CA LEU A 88 13.98 41.74 0.87
C LEU A 88 15.17 40.91 1.28
N ARG A 89 15.23 39.68 0.74
CA ARG A 89 16.35 38.79 0.98
C ARG A 89 16.96 38.39 -0.36
N ILE A 90 18.28 38.47 -0.45
CA ILE A 90 18.97 38.04 -1.67
C ILE A 90 19.59 36.68 -1.28
N MET A 91 18.89 35.61 -1.62
CA MET A 91 19.35 34.24 -1.33
C MET A 91 20.23 33.81 -2.49
N PHE A 92 20.95 32.72 -2.29
CA PHE A 92 21.71 32.16 -3.41
C PHE A 92 21.23 30.72 -3.49
N SER A 93 21.09 30.20 -4.71
CA SER A 93 20.63 28.85 -4.91
C SER A 93 21.77 27.95 -5.38
N ILE A 94 21.87 26.76 -4.79
CA ILE A 94 22.90 25.80 -5.16
C ILE A 94 22.32 24.67 -5.98
N GLY A 95 22.86 24.49 -7.19
CA GLY A 95 22.40 23.39 -8.01
C GLY A 95 21.84 23.82 -9.35
N GLY A 96 20.58 23.47 -9.57
CA GLY A 96 19.96 23.80 -10.84
C GLY A 96 20.06 22.56 -11.72
N TRP A 97 19.43 22.62 -12.90
CA TRP A 97 19.46 21.46 -13.77
C TRP A 97 20.83 21.15 -14.33
N TYR A 98 21.48 22.13 -14.94
CA TYR A 98 22.79 21.93 -15.56
C TYR A 98 23.83 21.32 -14.62
N TYR A 99 24.05 21.94 -13.48
CA TYR A 99 25.03 21.42 -12.53
C TYR A 99 24.66 20.12 -11.84
N SER A 100 23.43 20.04 -11.33
CA SER A 100 23.00 18.90 -10.52
C SER A 100 22.15 17.75 -11.01
N ASN A 101 21.66 17.75 -12.25
CA ASN A 101 20.85 16.61 -12.65
C ASN A 101 21.75 15.36 -12.64
N ASP A 102 21.13 14.18 -12.65
CA ASP A 102 21.83 12.90 -12.64
C ASP A 102 23.00 12.83 -13.62
N LEU A 103 22.89 13.53 -14.75
CA LEU A 103 23.95 13.51 -15.74
C LEU A 103 24.59 14.89 -15.87
N GLY A 104 24.46 15.69 -14.81
CA GLY A 104 24.99 17.03 -14.85
C GLY A 104 26.50 17.08 -14.66
N VAL A 105 27.09 18.17 -15.12
CA VAL A 105 28.53 18.38 -15.04
C VAL A 105 29.11 18.28 -13.63
N SER A 106 28.32 18.55 -12.60
CA SER A 106 28.84 18.47 -11.22
C SER A 106 28.08 17.49 -10.36
N HIS A 107 27.33 16.59 -10.99
CA HIS A 107 26.53 15.67 -10.21
C HIS A 107 27.19 14.98 -9.04
N ALA A 108 28.34 14.35 -9.32
CA ALA A 108 29.08 13.62 -8.31
C ALA A 108 29.25 14.40 -7.03
N ASN A 109 29.65 15.66 -7.16
CA ASN A 109 29.88 16.53 -6.00
C ASN A 109 28.68 16.66 -5.07
N TYR A 110 27.45 16.71 -5.62
CA TYR A 110 26.25 16.82 -4.77
C TYR A 110 26.07 15.52 -4.00
N VAL A 111 26.30 14.42 -4.68
CA VAL A 111 26.16 13.11 -4.05
C VAL A 111 27.27 12.91 -3.01
N ASN A 112 28.47 13.36 -3.29
CA ASN A 112 29.53 13.12 -2.31
C ASN A 112 29.52 14.12 -1.15
N ALA A 113 28.95 15.29 -1.38
CA ALA A 113 28.88 16.31 -0.33
C ALA A 113 28.04 15.89 0.88
N VAL A 114 26.98 15.13 0.66
CA VAL A 114 26.07 14.74 1.75
C VAL A 114 26.22 13.33 2.30
N LYS A 115 27.23 12.62 1.85
CA LYS A 115 27.45 11.24 2.27
C LYS A 115 27.80 11.02 3.75
N THR A 116 28.69 11.83 4.31
CA THR A 116 29.06 11.64 5.70
C THR A 116 28.93 12.87 6.59
N PRO A 117 28.97 12.67 7.91
CA PRO A 117 28.88 13.79 8.85
C PRO A 117 29.97 14.80 8.55
N ALA A 118 31.18 14.32 8.28
CA ALA A 118 32.30 15.21 7.98
C ALA A 118 32.09 15.99 6.69
N SER A 119 31.58 15.31 5.67
CA SER A 119 31.34 15.94 4.37
C SER A 119 30.19 16.92 4.53
N ARG A 120 29.16 16.51 5.27
CA ARG A 120 28.00 17.37 5.52
C ARG A 120 28.42 18.59 6.32
N ALA A 121 29.15 18.37 7.42
CA ALA A 121 29.61 19.46 8.26
C ALA A 121 30.42 20.42 7.42
N LYS A 122 31.36 19.87 6.66
CA LYS A 122 32.21 20.68 5.80
C LYS A 122 31.38 21.42 4.73
N PHE A 123 30.35 20.75 4.22
CA PHE A 123 29.52 21.35 3.20
C PHE A 123 28.62 22.43 3.81
N ALA A 124 27.93 22.08 4.90
CA ALA A 124 27.05 23.04 5.57
C ALA A 124 27.84 24.27 5.98
N GLN A 125 29.09 24.07 6.40
CA GLN A 125 29.89 25.21 6.80
C GLN A 125 30.26 26.05 5.61
N SER A 126 30.53 25.42 4.47
CA SER A 126 30.89 26.16 3.28
C SER A 126 29.70 26.99 2.81
N CYS A 127 28.50 26.49 3.08
CA CYS A 127 27.26 27.18 2.70
C CYS A 127 27.17 28.51 3.45
N VAL A 128 27.35 28.44 4.76
CA VAL A 128 27.31 29.67 5.56
C VAL A 128 28.48 30.59 5.20
N ARG A 129 29.68 30.04 5.08
CA ARG A 129 30.84 30.85 4.70
C ARG A 129 30.56 31.62 3.44
N ILE A 130 30.06 30.93 2.41
CA ILE A 130 29.73 31.57 1.15
C ILE A 130 28.65 32.65 1.37
N MET A 131 27.65 32.33 2.19
CA MET A 131 26.56 33.26 2.49
C MET A 131 27.13 34.56 3.06
N LYS A 132 27.92 34.42 4.13
CA LYS A 132 28.51 35.60 4.79
C LYS A 132 29.54 36.32 3.94
N ASP A 133 30.36 35.55 3.24
CA ASP A 133 31.40 36.14 2.41
C ASP A 133 30.89 37.03 1.29
N TYR A 134 29.82 36.60 0.60
CA TYR A 134 29.28 37.39 -0.50
C TYR A 134 28.13 38.33 -0.14
N GLY A 135 27.63 38.23 1.09
CA GLY A 135 26.57 39.11 1.51
C GLY A 135 25.15 38.58 1.28
N PHE A 136 25.00 37.27 1.07
CA PHE A 136 23.68 36.68 0.85
C PHE A 136 22.87 36.61 2.16
N ASP A 137 21.55 36.49 2.01
CA ASP A 137 20.63 36.43 3.14
C ASP A 137 20.06 35.05 3.48
N GLY A 138 20.45 34.06 2.68
CA GLY A 138 19.99 32.71 2.91
C GLY A 138 20.50 31.72 1.86
N VAL A 139 20.12 30.47 2.04
CA VAL A 139 20.53 29.34 1.21
C VAL A 139 19.34 28.59 0.64
N ASP A 140 19.33 28.38 -0.68
CA ASP A 140 18.30 27.62 -1.34
C ASP A 140 19.03 26.45 -2.00
N ILE A 141 18.53 25.24 -1.85
CA ILE A 141 19.15 24.09 -2.49
C ILE A 141 18.22 23.54 -3.57
N ASN A 142 18.76 23.48 -4.80
CA ASN A 142 18.03 23.00 -5.99
C ASN A 142 18.76 21.84 -6.65
N TRP A 143 18.92 20.77 -5.88
CA TRP A 143 19.54 19.54 -6.36
C TRP A 143 18.41 18.77 -7.02
N GLU A 144 18.52 18.53 -8.33
CA GLU A 144 17.44 17.82 -9.03
C GLU A 144 17.91 16.47 -9.56
N TYR A 145 17.78 15.39 -8.79
CA TYR A 145 17.23 15.37 -7.43
C TYR A 145 17.97 14.28 -6.68
N PRO A 146 17.99 14.34 -5.34
CA PRO A 146 18.67 13.28 -4.59
C PRO A 146 17.88 11.99 -4.82
N GLN A 147 18.58 10.88 -5.09
CA GLN A 147 17.89 9.60 -5.30
C GLN A 147 17.38 9.19 -3.93
N ALA A 148 16.47 8.24 -3.88
CA ALA A 148 15.94 7.78 -2.60
C ALA A 148 17.00 7.33 -1.59
N ALA A 149 18.06 6.70 -2.09
CA ALA A 149 19.11 6.23 -1.19
C ALA A 149 19.91 7.40 -0.63
N GLU A 150 19.86 8.53 -1.33
CA GLU A 150 20.61 9.72 -0.94
C GLU A 150 19.82 10.73 -0.08
N VAL A 151 18.54 10.43 0.21
CA VAL A 151 17.69 11.33 0.98
C VAL A 151 18.07 11.53 2.46
N ASP A 152 18.42 10.46 3.16
CA ASP A 152 18.78 10.59 4.56
C ASP A 152 19.96 11.53 4.77
N GLY A 153 20.93 11.44 3.88
CA GLY A 153 22.09 12.30 3.96
C GLY A 153 21.69 13.72 3.61
N PHE A 154 20.82 13.86 2.62
CA PHE A 154 20.32 15.17 2.17
C PHE A 154 19.61 15.87 3.34
N ILE A 155 18.74 15.12 4.00
CA ILE A 155 17.97 15.61 5.13
C ILE A 155 18.92 16.02 6.27
N ALA A 156 19.75 15.08 6.71
CA ALA A 156 20.68 15.40 7.77
C ALA A 156 21.46 16.65 7.39
N ALA A 157 21.74 16.83 6.11
CA ALA A 157 22.49 17.99 5.67
C ALA A 157 21.68 19.29 5.89
N LEU A 158 20.38 19.26 5.58
CA LEU A 158 19.55 20.45 5.78
C LEU A 158 19.42 20.75 7.26
N GLN A 159 19.47 19.71 8.08
CA GLN A 159 19.36 19.86 9.52
C GLN A 159 20.60 20.61 10.03
N GLU A 160 21.77 20.29 9.47
CA GLU A 160 23.03 20.93 9.85
C GLU A 160 23.10 22.37 9.41
N ILE A 161 22.61 22.63 8.20
CA ILE A 161 22.62 24.00 7.70
C ILE A 161 21.68 24.81 8.58
N ARG A 162 20.53 24.25 8.92
CA ARG A 162 19.55 24.99 9.73
C ARG A 162 20.18 25.36 11.09
N THR A 163 20.88 24.39 11.67
CA THR A 163 21.57 24.63 12.94
C THR A 163 22.56 25.77 12.80
N LEU A 164 23.39 25.72 11.77
CA LEU A 164 24.37 26.77 11.59
C LEU A 164 23.73 28.14 11.30
N LEU A 165 22.69 28.16 10.47
CA LEU A 165 22.03 29.42 10.14
C LEU A 165 21.39 30.04 11.36
N ASN A 166 20.74 29.23 12.20
CA ASN A 166 20.09 29.75 13.40
C ASN A 166 21.15 30.35 14.31
N GLN A 167 22.29 29.68 14.42
CA GLN A 167 23.38 30.20 15.25
C GLN A 167 23.89 31.52 14.65
N GLN A 168 24.01 31.57 13.33
CA GLN A 168 24.52 32.78 12.69
C GLN A 168 23.55 33.95 12.84
N THR A 169 22.25 33.67 12.80
CA THR A 169 21.26 34.74 12.92
C THR A 169 21.47 35.47 14.26
N ILE A 170 21.68 34.70 15.32
CA ILE A 170 21.89 35.27 16.66
C ILE A 170 23.21 36.03 16.75
N THR A 171 24.27 35.45 16.21
CA THR A 171 25.58 36.10 16.20
C THR A 171 25.55 37.42 15.44
N ASP A 172 24.70 37.49 14.42
CA ASP A 172 24.59 38.69 13.60
C ASP A 172 23.42 39.63 13.96
N GLY A 173 22.71 39.37 15.04
CA GLY A 173 21.57 40.21 15.44
C GLY A 173 20.53 40.38 14.34
N ARG A 174 20.28 39.27 13.63
CA ARG A 174 19.33 39.26 12.51
C ARG A 174 17.95 38.73 12.88
N GLN A 175 17.57 38.94 14.13
CA GLN A 175 16.26 38.49 14.58
C GLN A 175 15.15 39.08 13.69
N ALA A 176 15.38 40.28 13.16
CA ALA A 176 14.36 40.95 12.35
C ALA A 176 14.26 40.43 10.92
N LEU A 177 15.31 39.76 10.48
CA LEU A 177 15.35 39.21 9.13
C LEU A 177 16.31 38.02 9.22
N PRO A 178 15.89 36.96 9.89
CA PRO A 178 16.68 35.73 10.10
C PRO A 178 17.13 35.09 8.82
N TYR A 179 18.30 34.47 8.84
CA TYR A 179 18.80 33.78 7.64
C TYR A 179 17.82 32.65 7.41
N GLN A 180 17.55 32.34 6.15
CA GLN A 180 16.58 31.29 5.86
C GLN A 180 17.23 30.19 5.02
N LEU A 181 16.54 29.05 5.00
CA LEU A 181 16.95 27.87 4.25
C LEU A 181 15.69 27.39 3.51
N THR A 182 15.83 27.21 2.20
CA THR A 182 14.73 26.71 1.39
C THR A 182 15.28 25.67 0.40
N ILE A 183 14.39 24.93 -0.26
CA ILE A 183 14.81 24.03 -1.32
C ILE A 183 13.78 24.20 -2.43
N ALA A 184 14.18 23.87 -3.65
CA ALA A 184 13.24 23.88 -4.77
C ALA A 184 12.82 22.43 -4.81
N GLY A 185 11.52 22.17 -4.79
CA GLY A 185 11.05 20.80 -4.82
C GLY A 185 10.39 20.44 -6.13
N ALA A 186 10.44 19.16 -6.49
CA ALA A 186 9.79 18.72 -7.73
C ALA A 186 8.30 19.06 -7.72
N GLY A 187 7.80 19.43 -8.88
CA GLY A 187 6.39 19.75 -9.01
C GLY A 187 5.60 18.69 -9.77
N GLY A 188 6.26 17.59 -10.11
CA GLY A 188 5.63 16.48 -10.81
C GLY A 188 5.85 15.20 -9.99
N ALA A 189 4.89 14.29 -10.03
CA ALA A 189 4.97 13.07 -9.24
C ALA A 189 6.15 12.16 -9.47
N PHE A 190 6.64 12.12 -10.70
CA PHE A 190 7.74 11.23 -11.03
C PHE A 190 9.03 11.51 -10.25
N PHE A 191 9.50 12.75 -10.26
CA PHE A 191 10.70 13.05 -9.50
C PHE A 191 10.39 13.20 -8.03
N LEU A 192 9.18 13.63 -7.72
CA LEU A 192 8.77 13.78 -6.33
C LEU A 192 8.83 12.42 -5.62
N SER A 193 8.45 11.35 -6.30
CA SER A 193 8.44 10.01 -5.69
C SER A 193 9.81 9.58 -5.13
N ARG A 194 10.88 10.22 -5.56
CA ARG A 194 12.21 9.86 -5.06
C ARG A 194 12.35 10.12 -3.56
N TYR A 195 11.73 11.20 -3.07
CA TYR A 195 11.86 11.57 -1.67
C TYR A 195 10.54 11.81 -0.97
N TYR A 196 9.45 11.59 -1.68
CA TYR A 196 8.13 11.83 -1.13
C TYR A 196 7.80 11.27 0.25
N SER A 197 8.27 10.06 0.51
CA SER A 197 7.95 9.42 1.79
C SER A 197 8.55 10.13 3.00
N LYS A 198 9.60 10.93 2.79
CA LYS A 198 10.24 11.65 3.89
C LYS A 198 10.06 13.18 3.74
N LEU A 199 8.92 13.61 3.22
CA LEU A 199 8.65 15.05 3.02
C LEU A 199 8.64 15.83 4.33
N ALA A 200 8.06 15.22 5.36
CA ALA A 200 8.00 15.89 6.66
C ALA A 200 9.39 16.20 7.20
N GLN A 201 10.34 15.28 7.01
CA GLN A 201 11.71 15.47 7.46
C GLN A 201 12.46 16.48 6.61
N ILE A 202 12.15 16.51 5.33
CA ILE A 202 12.82 17.42 4.41
C ILE A 202 12.38 18.87 4.64
N VAL A 203 11.10 19.02 4.95
CA VAL A 203 10.52 20.35 5.13
C VAL A 203 10.68 20.94 6.53
N ALA A 204 10.91 20.09 7.53
CA ALA A 204 11.05 20.62 8.89
C ALA A 204 12.13 21.70 9.05
N PRO A 205 13.33 21.49 8.48
CA PRO A 205 14.36 22.52 8.63
C PRO A 205 14.21 23.74 7.71
N LEU A 206 13.16 23.74 6.87
CA LEU A 206 12.98 24.80 5.88
C LEU A 206 12.00 25.89 6.23
N ASP A 207 12.23 27.06 5.66
CA ASP A 207 11.33 28.19 5.81
C ASP A 207 10.24 27.95 4.77
N TYR A 208 10.66 27.44 3.62
CA TYR A 208 9.76 27.16 2.49
C TYR A 208 10.31 26.05 1.61
N ILE A 209 9.38 25.36 0.94
CA ILE A 209 9.74 24.40 -0.10
C ILE A 209 9.08 25.06 -1.33
N ASN A 210 9.92 25.46 -2.28
CA ASN A 210 9.49 26.10 -3.52
C ASN A 210 9.19 25.03 -4.56
N LEU A 211 7.90 24.80 -4.84
CA LEU A 211 7.51 23.76 -5.79
C LEU A 211 7.73 24.18 -7.22
N MET A 212 8.43 23.37 -8.02
CA MET A 212 8.65 23.74 -9.41
C MET A 212 7.44 23.24 -10.20
N THR A 213 6.30 23.90 -9.99
CA THR A 213 5.07 23.56 -10.65
C THR A 213 5.04 24.16 -12.06
N TYR A 214 6.00 23.71 -12.86
CA TYR A 214 6.14 24.12 -14.27
C TYR A 214 6.97 22.99 -14.92
N ASP A 215 7.21 23.06 -16.22
CA ASP A 215 7.90 21.97 -16.91
C ASP A 215 7.10 20.66 -16.76
N LEU A 216 5.77 20.77 -16.58
CA LEU A 216 4.90 19.61 -16.48
C LEU A 216 4.52 19.11 -17.88
N ALA A 217 4.98 19.83 -18.90
CA ALA A 217 4.76 19.46 -20.29
C ALA A 217 6.03 19.91 -21.00
N GLY A 218 6.35 19.26 -22.11
CA GLY A 218 7.56 19.62 -22.82
C GLY A 218 7.78 18.68 -23.99
N PRO A 219 8.62 19.06 -24.96
CA PRO A 219 8.96 18.29 -26.16
C PRO A 219 9.38 16.85 -25.90
N TRP A 220 9.76 16.57 -24.66
CA TRP A 220 10.18 15.23 -24.28
C TRP A 220 9.00 14.31 -24.00
N GLU A 221 7.79 14.84 -24.04
CA GLU A 221 6.58 14.03 -23.84
C GLU A 221 5.91 13.84 -25.20
N LYS A 222 5.17 12.74 -25.36
CA LYS A 222 4.52 12.43 -26.64
C LYS A 222 3.51 13.45 -27.16
N VAL A 223 2.60 13.93 -26.31
CA VAL A 223 1.66 14.92 -26.78
C VAL A 223 1.84 16.31 -26.15
N THR A 224 1.52 17.33 -26.93
CA THR A 224 1.62 18.71 -26.46
C THR A 224 0.65 18.89 -25.28
N ASN A 225 1.01 19.76 -24.35
CA ASN A 225 0.19 19.97 -23.17
C ASN A 225 0.64 21.27 -22.51
N HIS A 226 -0.17 21.77 -21.60
CA HIS A 226 0.16 22.98 -20.85
C HIS A 226 1.24 22.56 -19.84
N GLN A 227 2.28 23.37 -19.66
CA GLN A 227 3.37 23.00 -18.75
C GLN A 227 3.11 23.39 -17.31
N ALA A 228 2.05 24.17 -17.09
CA ALA A 228 1.73 24.62 -15.75
C ALA A 228 0.23 24.82 -15.58
N ALA A 229 -0.56 23.85 -16.03
CA ALA A 229 -2.00 23.96 -15.87
C ALA A 229 -2.35 23.96 -14.39
N LEU A 230 -3.22 24.88 -13.97
CA LEU A 230 -3.64 24.95 -12.57
C LEU A 230 -4.51 23.73 -12.25
N PHE A 231 -5.52 23.49 -13.08
CA PHE A 231 -6.44 22.35 -12.90
C PHE A 231 -6.40 21.52 -14.17
N GLY A 232 -7.02 20.35 -14.11
CA GLY A 232 -7.01 19.45 -15.26
C GLY A 232 -8.09 19.59 -16.29
N ASP A 233 -7.77 19.15 -17.52
CA ASP A 233 -8.67 19.16 -18.68
C ASP A 233 -8.90 17.69 -19.08
N ALA A 234 -10.15 17.25 -19.08
CA ALA A 234 -10.47 15.86 -19.42
C ALA A 234 -9.94 15.47 -20.79
N ALA A 235 -9.79 16.47 -21.65
CA ALA A 235 -9.31 16.21 -22.99
C ALA A 235 -7.79 16.11 -23.09
N GLY A 236 -7.09 16.44 -22.01
CA GLY A 236 -5.63 16.38 -22.06
C GLY A 236 -5.06 15.04 -21.66
N PRO A 237 -3.73 14.89 -21.76
CA PRO A 237 -3.12 13.61 -21.39
C PRO A 237 -3.17 13.37 -19.89
N THR A 238 -3.08 12.11 -19.49
CA THR A 238 -3.09 11.77 -18.07
C THR A 238 -1.88 10.91 -17.84
N PHE A 239 -1.42 10.86 -16.58
CA PHE A 239 -0.21 10.12 -16.28
C PHE A 239 -0.33 9.16 -15.12
N TYR A 240 0.62 8.23 -15.08
CA TYR A 240 0.71 7.26 -14.01
C TYR A 240 1.06 8.00 -12.70
N ASN A 241 0.35 7.69 -11.63
CA ASN A 241 0.59 8.34 -10.36
C ASN A 241 1.72 7.61 -9.64
N ALA A 242 2.94 8.05 -9.91
CA ALA A 242 4.11 7.43 -9.31
C ALA A 242 4.12 7.38 -7.80
N LEU A 243 3.43 8.29 -7.14
CA LEU A 243 3.46 8.29 -5.67
C LEU A 243 2.85 7.04 -5.07
N ARG A 244 1.95 6.37 -5.79
CA ARG A 244 1.34 5.17 -5.24
C ARG A 244 2.36 4.06 -5.00
N GLU A 245 3.56 4.22 -5.57
CA GLU A 245 4.64 3.26 -5.43
C GLU A 245 5.73 3.68 -4.44
N ALA A 246 5.57 4.86 -3.84
CA ALA A 246 6.53 5.36 -2.85
C ALA A 246 6.56 4.44 -1.62
N ASN A 247 7.68 4.39 -0.92
CA ASN A 247 7.81 3.54 0.27
C ASN A 247 7.19 4.24 1.47
N LEU A 248 5.86 4.26 1.46
CA LEU A 248 5.06 4.91 2.48
C LEU A 248 4.65 3.95 3.56
N GLY A 249 4.50 2.68 3.20
CA GLY A 249 4.10 1.68 4.16
C GLY A 249 2.59 1.69 4.35
N TRP A 250 1.88 2.34 3.43
CA TRP A 250 0.43 2.43 3.53
C TRP A 250 -0.30 1.22 2.92
N SER A 251 -1.50 0.97 3.40
CA SER A 251 -2.32 -0.13 2.91
C SER A 251 -2.92 0.23 1.55
N TRP A 252 -3.39 -0.75 0.81
CA TRP A 252 -3.99 -0.53 -0.50
C TRP A 252 -5.08 0.56 -0.51
N GLU A 253 -6.00 0.52 0.45
CA GLU A 253 -7.06 1.53 0.53
C GLU A 253 -6.46 2.92 0.68
N GLU A 254 -5.47 3.05 1.56
CA GLU A 254 -4.84 4.34 1.81
C GLU A 254 -4.12 4.85 0.56
N LEU A 255 -3.36 3.98 -0.09
CA LEU A 255 -2.65 4.36 -1.31
C LEU A 255 -3.62 4.76 -2.42
N THR A 256 -4.68 3.96 -2.61
CA THR A 256 -5.64 4.23 -3.65
C THR A 256 -6.38 5.57 -3.45
N ARG A 257 -6.78 5.84 -2.21
CA ARG A 257 -7.52 7.06 -1.89
C ARG A 257 -6.66 8.31 -2.04
N ALA A 258 -5.37 8.17 -1.78
CA ALA A 258 -4.45 9.30 -1.86
C ALA A 258 -3.87 9.50 -3.25
N PHE A 259 -3.68 8.40 -3.99
CA PHE A 259 -3.05 8.48 -5.29
C PHE A 259 -3.80 7.92 -6.50
N PRO A 260 -4.92 8.58 -6.88
CA PRO A 260 -5.68 8.10 -8.03
C PRO A 260 -4.75 8.05 -9.25
N SER A 261 -4.98 7.10 -10.15
CA SER A 261 -4.13 6.94 -11.33
C SER A 261 -4.90 6.32 -12.52
N PRO A 262 -4.74 6.86 -13.74
CA PRO A 262 -3.91 8.03 -14.02
C PRO A 262 -4.55 9.29 -13.45
N PHE A 263 -3.82 10.40 -13.50
CA PHE A 263 -4.28 11.68 -12.98
C PHE A 263 -3.73 12.79 -13.88
N SER A 264 -4.26 14.00 -13.70
CA SER A 264 -3.80 15.13 -14.49
C SER A 264 -2.62 15.82 -13.78
N LEU A 265 -1.50 15.93 -14.48
CA LEU A 265 -0.29 16.54 -13.93
C LEU A 265 -0.51 18.06 -13.95
N THR A 266 -0.95 18.61 -12.82
CA THR A 266 -1.25 20.02 -12.73
C THR A 266 -0.59 20.65 -11.50
N VAL A 267 -0.70 21.97 -11.41
CA VAL A 267 -0.15 22.67 -10.26
C VAL A 267 -0.94 22.25 -9.03
N ASP A 268 -2.26 22.19 -9.19
CA ASP A 268 -3.13 21.77 -8.09
C ASP A 268 -2.75 20.39 -7.57
N ALA A 269 -2.46 19.45 -8.48
CA ALA A 269 -2.06 18.12 -8.05
C ALA A 269 -0.80 18.15 -7.19
N ALA A 270 0.22 18.91 -7.59
CA ALA A 270 1.44 18.95 -6.80
C ALA A 270 1.19 19.55 -5.43
N VAL A 271 0.41 20.64 -5.36
CA VAL A 271 0.14 21.25 -4.07
C VAL A 271 -0.57 20.27 -3.14
N GLN A 272 -1.67 19.70 -3.62
CA GLN A 272 -2.40 18.72 -2.81
C GLN A 272 -1.53 17.53 -2.42
N GLN A 273 -0.76 16.99 -3.35
CA GLN A 273 0.12 15.87 -2.99
C GLN A 273 1.05 16.19 -1.82
N HIS A 274 1.48 17.44 -1.72
CA HIS A 274 2.33 17.83 -0.61
C HIS A 274 1.46 18.01 0.66
N LEU A 275 0.27 18.60 0.51
CA LEU A 275 -0.60 18.83 1.69
C LEU A 275 -1.06 17.50 2.29
N MET A 276 -1.14 16.46 1.47
CA MET A 276 -1.56 15.14 1.95
C MET A 276 -0.63 14.51 2.97
N MET A 277 0.62 14.96 3.02
CA MET A 277 1.55 14.39 3.98
C MET A 277 1.48 15.07 5.32
N GLU A 278 1.50 14.26 6.38
CA GLU A 278 1.49 14.79 7.74
C GLU A 278 2.82 15.51 7.92
N GLY A 279 2.81 16.62 8.67
CA GLY A 279 4.05 17.34 8.91
C GLY A 279 4.46 18.31 7.82
N VAL A 280 3.58 18.51 6.84
CA VAL A 280 3.87 19.44 5.75
C VAL A 280 2.85 20.57 5.80
N PRO A 281 3.21 21.68 6.48
CA PRO A 281 2.33 22.84 6.61
C PRO A 281 2.13 23.63 5.34
N SER A 282 0.87 23.98 5.09
CA SER A 282 0.53 24.77 3.91
C SER A 282 1.36 26.06 3.85
N ALA A 283 1.61 26.68 5.00
CA ALA A 283 2.34 27.94 5.00
C ALA A 283 3.78 27.83 4.52
N LYS A 284 4.34 26.62 4.46
CA LYS A 284 5.71 26.47 3.96
C LYS A 284 5.75 26.17 2.48
N ILE A 285 4.61 25.85 1.88
CA ILE A 285 4.54 25.53 0.46
C ILE A 285 4.48 26.79 -0.37
N VAL A 286 5.38 26.90 -1.34
CA VAL A 286 5.41 28.05 -2.21
C VAL A 286 5.14 27.52 -3.62
N MET A 287 4.17 28.11 -4.31
CA MET A 287 3.85 27.62 -5.66
C MET A 287 4.73 28.32 -6.70
N GLY A 288 5.43 27.53 -7.51
CA GLY A 288 6.23 28.15 -8.54
C GLY A 288 5.42 28.38 -9.82
N VAL A 289 5.82 29.40 -10.58
CA VAL A 289 5.17 29.69 -11.87
C VAL A 289 6.32 30.00 -12.81
N PRO A 290 6.13 29.78 -14.12
CA PRO A 290 7.16 30.03 -15.12
C PRO A 290 7.06 31.39 -15.79
N PHE A 291 8.20 32.03 -16.03
CA PHE A 291 8.19 33.31 -16.72
C PHE A 291 8.61 33.03 -18.20
N TYR A 292 8.51 31.78 -18.63
CA TYR A 292 8.90 31.40 -20.00
C TYR A 292 7.90 30.41 -20.56
N GLY A 293 7.94 30.22 -21.88
CA GLY A 293 7.03 29.27 -22.50
C GLY A 293 7.83 28.16 -23.17
N ARG A 294 7.18 27.02 -23.42
CA ARG A 294 7.83 25.91 -24.12
C ARG A 294 7.09 25.75 -25.45
N ALA A 295 7.88 25.64 -26.53
CA ALA A 295 7.36 25.52 -27.89
C ALA A 295 7.53 24.15 -28.53
N PHE A 296 6.52 23.76 -29.33
CA PHE A 296 6.49 22.49 -30.06
C PHE A 296 6.22 22.79 -31.54
N LYS A 297 6.72 21.93 -32.43
CA LYS A 297 6.47 22.10 -33.87
C LYS A 297 5.89 20.80 -34.40
N GLY A 298 5.29 20.86 -35.59
CA GLY A 298 4.71 19.67 -36.17
C GLY A 298 3.41 19.28 -35.52
N VAL A 299 2.70 20.26 -34.97
CA VAL A 299 1.45 19.99 -34.28
C VAL A 299 0.24 19.98 -35.23
N SER A 300 -0.74 19.17 -34.86
CA SER A 300 -1.96 19.02 -35.63
C SER A 300 -2.99 20.04 -35.18
N GLY A 301 -3.67 20.63 -36.15
CA GLY A 301 -4.70 21.61 -35.82
C GLY A 301 -5.89 20.85 -35.29
N GLY A 302 -6.91 21.56 -34.83
CA GLY A 302 -8.10 20.89 -34.32
C GLY A 302 -8.49 21.40 -32.96
N ASN A 303 -7.50 21.64 -32.11
CA ASN A 303 -7.77 22.12 -30.76
C ASN A 303 -6.72 23.12 -30.32
N GLY A 304 -6.36 24.01 -31.25
CA GLY A 304 -5.38 25.03 -30.98
C GLY A 304 -3.95 24.54 -30.83
N GLY A 305 -3.71 23.29 -31.21
CA GLY A 305 -2.37 22.74 -31.10
C GLY A 305 -2.24 21.94 -29.83
N GLN A 306 -3.30 21.97 -29.01
CA GLN A 306 -3.32 21.23 -27.75
C GLN A 306 -3.50 19.72 -27.89
N TYR A 307 -2.73 18.98 -27.10
CA TYR A 307 -2.82 17.54 -27.03
C TYR A 307 -2.60 16.84 -28.38
N SER A 308 -1.63 17.35 -29.13
CA SER A 308 -1.30 16.83 -30.45
C SER A 308 0.08 16.20 -30.51
N SER A 309 0.25 15.27 -31.44
CA SER A 309 1.56 14.65 -31.63
C SER A 309 2.37 15.81 -32.18
N HIS A 310 3.68 15.69 -32.16
CA HIS A 310 4.55 16.76 -32.64
C HIS A 310 5.87 16.18 -33.11
N SER A 311 6.72 17.03 -33.68
CA SER A 311 8.01 16.59 -34.20
C SER A 311 9.13 17.44 -33.61
N THR A 312 9.05 17.66 -32.31
CA THR A 312 10.04 18.47 -31.63
C THR A 312 11.05 17.57 -30.94
N PRO A 313 12.36 17.75 -31.23
CA PRO A 313 13.36 16.92 -30.58
C PRO A 313 13.40 17.26 -29.09
N GLY A 314 13.60 16.26 -28.25
CA GLY A 314 13.65 16.48 -26.80
C GLY A 314 15.05 16.54 -26.23
N GLU A 315 16.03 16.18 -27.05
CA GLU A 315 17.43 16.18 -26.66
C GLU A 315 17.91 17.48 -26.04
N ASP A 316 18.76 17.32 -25.02
CA ASP A 316 19.37 18.42 -24.30
C ASP A 316 20.76 18.55 -24.92
N PRO A 317 20.97 19.62 -25.70
CA PRO A 317 21.24 20.76 -26.56
C PRO A 317 20.46 20.58 -27.84
N TYR A 318 19.66 21.58 -28.19
CA TYR A 318 18.86 21.51 -29.39
C TYR A 318 19.78 21.09 -30.53
N PRO A 319 19.53 19.90 -31.11
CA PRO A 319 20.33 19.36 -32.22
C PRO A 319 19.97 19.92 -33.58
N SER A 320 20.41 21.14 -33.88
CA SER A 320 20.11 21.77 -35.17
C SER A 320 20.33 23.28 -35.17
N THR A 321 20.25 23.85 -36.37
CA THR A 321 20.39 25.29 -36.55
C THR A 321 19.08 25.78 -37.17
N ASP A 322 18.11 24.89 -37.18
CA ASP A 322 16.78 25.16 -37.71
C ASP A 322 15.98 25.85 -36.61
N TYR A 323 15.98 27.17 -36.60
CA TYR A 323 15.23 27.90 -35.59
C TYR A 323 13.86 28.20 -36.16
N TRP A 324 12.97 27.24 -35.94
CA TRP A 324 11.62 27.26 -36.44
C TRP A 324 10.59 28.06 -35.65
N LEU A 325 10.97 28.62 -34.50
CA LEU A 325 9.98 29.38 -33.76
C LEU A 325 9.95 30.79 -34.33
N VAL A 326 9.04 30.99 -35.28
CA VAL A 326 8.87 32.26 -35.96
C VAL A 326 8.91 33.48 -35.04
N GLY A 327 9.70 34.47 -35.43
CA GLY A 327 9.81 35.71 -34.67
C GLY A 327 10.59 35.64 -33.36
N CYS A 328 11.04 34.45 -32.98
CA CYS A 328 11.77 34.33 -31.73
C CYS A 328 13.27 34.55 -31.93
N GLU A 329 13.70 35.77 -31.62
CA GLU A 329 15.10 36.16 -31.75
C GLU A 329 16.00 35.58 -30.67
N GLU A 330 15.48 35.37 -29.46
CA GLU A 330 16.27 34.79 -28.38
C GLU A 330 16.69 33.41 -28.81
N CYS A 331 15.75 32.70 -29.41
CA CYS A 331 15.96 31.33 -29.86
C CYS A 331 17.16 31.22 -30.77
N VAL A 332 17.32 32.23 -31.64
CA VAL A 332 18.42 32.30 -32.58
C VAL A 332 19.67 32.57 -31.76
N ARG A 333 19.56 33.62 -30.95
CA ARG A 333 20.61 34.06 -30.06
C ARG A 333 21.12 32.88 -29.20
N ASP A 334 20.20 32.20 -28.53
CA ASP A 334 20.58 31.08 -27.65
C ASP A 334 20.52 29.72 -28.34
N LYS A 335 20.28 29.73 -29.63
CA LYS A 335 20.22 28.49 -30.43
C LYS A 335 19.30 27.39 -29.92
N ASP A 336 18.03 27.72 -29.72
CA ASP A 336 17.04 26.74 -29.28
C ASP A 336 15.65 27.35 -29.44
N PRO A 337 14.86 26.83 -30.38
CA PRO A 337 13.52 27.35 -30.61
C PRO A 337 12.43 26.71 -29.74
N ARG A 338 12.82 25.94 -28.74
CA ARG A 338 11.84 25.28 -27.88
C ARG A 338 11.47 26.02 -26.58
N ILE A 339 12.18 27.12 -26.32
CA ILE A 339 11.98 27.95 -25.12
C ILE A 339 12.03 29.43 -25.47
N ALA A 340 11.19 30.23 -24.82
CA ALA A 340 11.16 31.68 -25.05
C ALA A 340 10.70 32.36 -23.77
N SER A 341 11.32 33.49 -23.46
CA SER A 341 10.97 34.27 -22.27
C SER A 341 9.63 34.94 -22.52
N TYR A 342 8.91 35.24 -21.45
CA TYR A 342 7.64 35.92 -21.60
C TYR A 342 7.88 37.21 -22.38
N ARG A 343 9.02 37.83 -22.13
CA ARG A 343 9.38 39.08 -22.81
C ARG A 343 9.44 38.87 -24.32
N GLN A 344 10.06 37.77 -24.74
CA GLN A 344 10.16 37.44 -26.15
C GLN A 344 8.76 37.12 -26.70
N LEU A 345 8.01 36.25 -26.02
CA LEU A 345 6.67 35.88 -26.46
C LEU A 345 5.75 37.09 -26.70
N GLU A 346 5.83 38.08 -25.82
CA GLU A 346 5.01 39.28 -25.96
C GLU A 346 5.35 39.99 -27.26
N GLN A 347 6.64 40.04 -27.57
CA GLN A 347 7.09 40.67 -28.80
C GLN A 347 6.72 39.84 -30.02
N MET A 348 6.62 38.52 -29.84
CA MET A 348 6.24 37.63 -30.93
C MET A 348 4.76 37.85 -31.21
N LEU A 349 4.00 38.16 -30.16
CA LEU A 349 2.58 38.41 -30.31
C LEU A 349 2.27 39.74 -30.98
N GLN A 350 3.00 40.78 -30.61
CA GLN A 350 2.76 42.09 -31.19
C GLN A 350 3.45 42.30 -32.52
N GLY A 351 4.37 41.41 -32.86
CA GLY A 351 5.07 41.49 -34.12
C GLY A 351 4.26 40.83 -35.21
N ASN A 352 3.00 40.53 -34.90
CA ASN A 352 2.08 39.88 -35.83
C ASN A 352 2.80 38.88 -36.73
N TYR A 353 3.27 37.79 -36.12
CA TYR A 353 4.00 36.73 -36.82
C TYR A 353 3.14 35.52 -37.12
N GLY A 354 1.83 35.65 -36.94
CA GLY A 354 0.94 34.52 -37.22
C GLY A 354 0.47 33.75 -36.00
N TYR A 355 0.73 34.27 -34.80
CA TYR A 355 0.34 33.61 -33.56
C TYR A 355 -1.04 34.06 -33.08
N GLN A 356 -1.81 33.12 -32.55
CA GLN A 356 -3.13 33.42 -31.99
C GLN A 356 -3.02 33.15 -30.50
N ARG A 357 -3.42 34.10 -29.66
CA ARG A 357 -3.37 33.83 -28.22
C ARG A 357 -4.70 33.20 -27.85
N LEU A 358 -4.64 31.96 -27.38
CA LEU A 358 -5.84 31.24 -26.99
C LEU A 358 -5.87 31.05 -25.48
N TRP A 359 -7.00 30.59 -24.97
CA TRP A 359 -7.13 30.41 -23.53
C TRP A 359 -7.88 29.15 -23.18
N ASN A 360 -7.33 28.37 -22.26
CA ASN A 360 -8.02 27.17 -21.84
C ASN A 360 -8.65 27.51 -20.48
N ASP A 361 -9.97 27.51 -20.44
CA ASP A 361 -10.67 27.88 -19.21
C ASP A 361 -10.80 26.78 -18.16
N LYS A 362 -10.24 25.61 -18.45
CA LYS A 362 -10.24 24.51 -17.51
C LYS A 362 -8.91 24.58 -16.75
N THR A 363 -7.82 24.65 -17.52
CA THR A 363 -6.47 24.73 -16.95
C THR A 363 -6.18 26.14 -16.44
N LYS A 364 -6.93 27.12 -16.95
CA LYS A 364 -6.77 28.52 -16.62
C LYS A 364 -5.39 29.01 -17.03
N THR A 365 -4.98 28.63 -18.24
CA THR A 365 -3.70 29.06 -18.77
C THR A 365 -3.81 29.40 -20.24
N PRO A 366 -2.97 30.34 -20.72
CA PRO A 366 -3.01 30.73 -22.14
C PRO A 366 -2.05 29.84 -22.92
N TYR A 367 -2.14 29.94 -24.24
CA TYR A 367 -1.25 29.20 -25.13
C TYR A 367 -1.25 29.90 -26.49
N LEU A 368 -0.18 29.73 -27.24
CA LEU A 368 -0.08 30.32 -28.57
C LEU A 368 -0.24 29.20 -29.60
N TYR A 369 -0.96 29.50 -30.68
CA TYR A 369 -1.12 28.53 -31.76
C TYR A 369 -0.73 29.23 -33.05
N HIS A 370 0.14 28.59 -33.82
CA HIS A 370 0.57 29.15 -35.09
C HIS A 370 0.01 28.26 -36.21
N ALA A 371 -1.18 28.60 -36.68
CA ALA A 371 -1.87 27.86 -37.73
C ALA A 371 -1.01 27.57 -38.96
N GLN A 372 -0.32 28.58 -39.48
CA GLN A 372 0.48 28.38 -40.67
C GLN A 372 1.58 27.33 -40.54
N ASN A 373 2.47 27.50 -39.56
CA ASN A 373 3.56 26.55 -39.41
C ASN A 373 3.34 25.36 -38.50
N GLY A 374 2.17 25.31 -37.85
CA GLY A 374 1.86 24.20 -36.97
C GLY A 374 2.68 24.23 -35.68
N LEU A 375 2.65 25.37 -34.99
CA LEU A 375 3.41 25.53 -33.75
C LEU A 375 2.45 25.70 -32.57
N PHE A 376 2.89 25.28 -31.39
CA PHE A 376 2.10 25.36 -30.16
C PHE A 376 3.03 25.81 -29.05
N VAL A 377 2.59 26.78 -28.26
CA VAL A 377 3.42 27.26 -27.16
C VAL A 377 2.60 27.31 -25.89
N THR A 378 3.12 26.71 -24.82
CA THR A 378 2.46 26.75 -23.53
C THR A 378 3.25 27.73 -22.66
N TYR A 379 2.56 28.68 -22.04
CA TYR A 379 3.22 29.66 -21.18
C TYR A 379 2.18 30.20 -20.18
N ASP A 380 2.61 31.13 -19.32
CA ASP A 380 1.74 31.76 -18.33
C ASP A 380 1.77 33.28 -18.49
N ASP A 381 0.74 33.96 -17.99
CA ASP A 381 0.72 35.41 -18.08
C ASP A 381 0.01 36.04 -16.88
N ALA A 382 -0.19 37.35 -16.93
CA ALA A 382 -0.83 38.01 -15.80
C ALA A 382 -2.25 37.48 -15.56
N GLU A 383 -2.85 36.93 -16.60
CA GLU A 383 -4.19 36.36 -16.52
C GLU A 383 -4.18 35.03 -15.77
N SER A 384 -3.33 34.10 -16.20
CA SER A 384 -3.25 32.83 -15.51
C SER A 384 -2.80 33.08 -14.06
N PHE A 385 -1.97 34.10 -13.85
CA PHE A 385 -1.51 34.40 -12.49
C PHE A 385 -2.63 34.82 -11.55
N LYS A 386 -3.75 35.30 -12.08
CA LYS A 386 -4.88 35.67 -11.18
C LYS A 386 -5.42 34.44 -10.47
N TYR A 387 -5.66 33.38 -11.25
CA TYR A 387 -6.19 32.16 -10.65
C TYR A 387 -5.18 31.53 -9.72
N LYS A 388 -3.91 31.55 -10.10
CA LYS A 388 -2.90 30.94 -9.26
C LYS A 388 -2.74 31.69 -7.96
N ALA A 389 -2.83 33.03 -8.00
CA ALA A 389 -2.71 33.82 -6.77
C ALA A 389 -3.92 33.56 -5.87
N LYS A 390 -5.10 33.45 -6.45
CA LYS A 390 -6.29 33.17 -5.61
C LYS A 390 -6.18 31.78 -5.00
N TYR A 391 -5.61 30.83 -5.74
CA TYR A 391 -5.46 29.47 -5.22
C TYR A 391 -4.49 29.53 -4.03
N ILE A 392 -3.40 30.26 -4.19
CA ILE A 392 -2.43 30.42 -3.12
C ILE A 392 -3.11 30.95 -1.85
N LYS A 393 -4.01 31.89 -2.02
CA LYS A 393 -4.69 32.42 -0.85
C LYS A 393 -5.68 31.41 -0.26
N GLN A 394 -6.51 30.83 -1.12
CA GLN A 394 -7.51 29.84 -0.69
C GLN A 394 -6.89 28.66 0.04
N GLN A 395 -5.77 28.16 -0.48
CA GLN A 395 -5.10 27.02 0.16
C GLN A 395 -4.16 27.42 1.29
N GLN A 396 -4.11 28.70 1.61
CA GLN A 396 -3.24 29.18 2.68
C GLN A 396 -1.76 28.81 2.47
N LEU A 397 -1.30 28.94 1.24
CA LEU A 397 0.08 28.63 0.93
C LEU A 397 0.99 29.81 1.34
N GLY A 398 2.29 29.54 1.44
CA GLY A 398 3.22 30.58 1.84
C GLY A 398 3.46 31.71 0.84
N GLY A 399 3.20 31.43 -0.44
CA GLY A 399 3.43 32.44 -1.45
C GLY A 399 3.68 31.85 -2.83
N VAL A 400 4.33 32.65 -3.68
CA VAL A 400 4.62 32.28 -5.04
C VAL A 400 6.13 32.39 -5.28
N MET A 401 6.60 31.60 -6.23
CA MET A 401 8.01 31.59 -6.61
C MET A 401 8.00 31.55 -8.12
N PHE A 402 9.02 32.11 -8.75
CA PHE A 402 9.04 32.02 -10.19
C PHE A 402 10.40 31.83 -10.82
N TRP A 403 10.40 31.13 -11.94
CA TRP A 403 11.62 30.92 -12.72
C TRP A 403 11.41 31.55 -14.10
N HIS A 404 12.13 32.61 -14.45
CA HIS A 404 13.00 33.34 -13.51
C HIS A 404 12.87 34.83 -13.86
N LEU A 405 13.31 35.69 -12.95
CA LEU A 405 13.21 37.15 -13.08
C LEU A 405 13.70 37.77 -14.38
N GLY A 406 14.79 37.22 -14.89
CA GLY A 406 15.36 37.70 -16.12
C GLY A 406 14.51 37.51 -17.34
N GLN A 407 13.41 36.78 -17.21
CA GLN A 407 12.54 36.53 -18.35
C GLN A 407 11.29 37.40 -18.42
N ASP A 408 11.10 38.26 -17.42
CA ASP A 408 9.93 39.17 -17.39
C ASP A 408 10.10 40.24 -18.47
N ASN A 409 9.04 40.97 -18.81
CA ASN A 409 9.26 42.02 -19.82
C ASN A 409 9.90 43.24 -19.15
N ARG A 410 10.25 44.27 -19.93
CA ARG A 410 10.91 45.46 -19.36
C ARG A 410 10.12 46.23 -18.34
N ASN A 411 8.80 46.25 -18.50
CA ASN A 411 7.95 46.96 -17.55
C ASN A 411 7.77 46.11 -16.30
N GLY A 412 8.18 44.84 -16.38
CA GLY A 412 8.07 43.90 -15.27
C GLY A 412 6.62 43.56 -14.96
N ASP A 413 5.82 43.39 -15.99
CA ASP A 413 4.42 43.10 -15.80
C ASP A 413 4.11 41.80 -15.03
N LEU A 414 4.88 40.74 -15.24
CA LEU A 414 4.59 39.49 -14.51
C LEU A 414 4.84 39.64 -13.00
N LEU A 415 5.97 40.22 -12.63
CA LEU A 415 6.24 40.43 -11.20
C LEU A 415 5.19 41.37 -10.61
N ALA A 416 4.89 42.45 -11.34
CA ALA A 416 3.89 43.41 -10.87
C ALA A 416 2.53 42.77 -10.63
N ALA A 417 2.12 41.87 -11.53
CA ALA A 417 0.83 41.19 -11.37
C ALA A 417 0.81 40.37 -10.08
N LEU A 418 1.88 39.62 -9.82
CA LEU A 418 1.97 38.79 -8.62
C LEU A 418 1.82 39.65 -7.37
N ASP A 419 2.58 40.75 -7.32
CA ASP A 419 2.50 41.65 -6.18
C ASP A 419 1.09 42.26 -6.08
N ARG A 420 0.53 42.65 -7.23
CA ARG A 420 -0.81 43.24 -7.26
C ARG A 420 -1.86 42.31 -6.67
N TYR A 421 -1.86 41.04 -7.11
CA TYR A 421 -2.88 40.13 -6.63
C TYR A 421 -2.83 39.83 -5.15
N PHE A 422 -1.67 39.97 -4.53
CA PHE A 422 -1.59 39.69 -3.10
C PHE A 422 -1.71 40.95 -2.28
N ASN A 423 -1.23 42.06 -2.83
CA ASN A 423 -1.17 43.27 -2.04
C ASN A 423 -1.92 44.54 -2.42
N ALA A 424 -2.34 44.69 -3.67
CA ALA A 424 -3.02 45.94 -4.05
C ALA A 424 -4.37 46.13 -3.38
N ALA A 425 -4.54 47.30 -2.77
CA ALA A 425 -5.77 47.61 -2.07
C ALA A 425 -6.95 47.71 -3.03
N ASP A 426 -6.65 48.07 -4.28
CA ASP A 426 -7.71 48.19 -5.29
C ASP A 426 -7.92 47.01 -6.23
N TYR A 427 -7.31 45.87 -5.90
CA TYR A 427 -7.49 44.66 -6.69
C TYR A 427 -8.40 43.78 -5.82
N ASP A 428 -9.44 43.23 -6.41
CA ASP A 428 -10.39 42.41 -5.66
C ASP A 428 -10.75 41.15 -6.45
N ASP A 429 -10.28 40.00 -6.00
CA ASP A 429 -10.56 38.75 -6.72
C ASP A 429 -11.65 37.91 -6.05
N SER A 430 -12.48 38.56 -5.22
CA SER A 430 -13.51 37.83 -4.51
C SER A 430 -14.52 37.14 -5.43
N GLN A 431 -14.77 37.72 -6.62
CA GLN A 431 -15.71 37.12 -7.55
C GLN A 431 -15.01 36.27 -8.61
N LEU A 432 -13.69 36.09 -8.52
CA LEU A 432 -13.00 35.30 -9.53
C LEU A 432 -13.47 33.84 -9.48
N ASP A 433 -13.97 33.33 -10.61
CA ASP A 433 -14.45 31.95 -10.64
C ASP A 433 -13.33 31.00 -11.06
N MET A 434 -13.03 30.05 -10.19
CA MET A 434 -11.94 29.10 -10.43
C MET A 434 -12.23 27.98 -11.44
N GLY A 435 -13.46 28.00 -12.00
CA GLY A 435 -13.84 27.03 -13.03
C GLY A 435 -14.18 25.62 -12.64
N THR A 436 -14.32 24.77 -13.66
CA THR A 436 -14.67 23.38 -13.46
C THR A 436 -13.56 22.43 -13.91
N GLY A 437 -12.32 22.93 -13.94
CA GLY A 437 -11.22 22.07 -14.33
C GLY A 437 -11.08 20.96 -13.32
N LEU A 438 -10.50 19.85 -13.73
CA LEU A 438 -10.34 18.71 -12.83
C LEU A 438 -9.44 18.96 -11.63
N ARG A 439 -9.98 18.76 -10.44
CA ARG A 439 -9.23 18.87 -9.21
C ARG A 439 -8.61 17.53 -8.84
N TYR A 440 -7.46 17.55 -8.16
CA TYR A 440 -6.82 16.32 -7.73
C TYR A 440 -7.75 15.72 -6.67
N THR A 441 -8.21 14.49 -6.88
CA THR A 441 -9.14 13.86 -5.94
C THR A 441 -8.55 13.03 -4.80
N GLY A 442 -7.23 12.98 -4.69
CA GLY A 442 -6.61 12.21 -3.62
C GLY A 442 -6.75 12.81 -2.23
N VAL A 443 -6.70 11.98 -1.20
CA VAL A 443 -6.80 12.41 0.20
C VAL A 443 -5.86 11.58 1.06
N GLY A 444 -5.07 12.24 1.90
CA GLY A 444 -4.11 11.54 2.74
C GLY A 444 -4.18 11.84 4.21
N PRO A 445 -3.25 11.29 5.02
CA PRO A 445 -3.13 11.46 6.46
C PRO A 445 -2.98 12.91 6.91
N GLY A 446 -2.30 13.72 6.09
CA GLY A 446 -2.07 15.11 6.43
C GLY A 446 -3.12 16.16 6.09
N ASN A 447 -4.20 15.75 5.43
CA ASN A 447 -5.26 16.68 5.05
C ASN A 447 -6.65 16.03 5.15
N LEU A 448 -6.88 15.31 6.24
CA LEU A 448 -8.17 14.64 6.44
C LEU A 448 -9.24 15.67 6.71
N PRO A 449 -10.46 15.44 6.22
CA PRO A 449 -11.54 16.40 6.45
C PRO A 449 -12.11 16.27 7.86
N ILE A 450 -12.37 17.42 8.47
CA ILE A 450 -12.94 17.44 9.80
C ILE A 450 -14.22 16.60 9.79
N MET A 451 -14.34 15.71 10.79
CA MET A 451 -15.51 14.84 10.88
C MET A 451 -15.91 14.58 12.33
N THR A 452 -17.11 14.02 12.50
CA THR A 452 -17.63 13.67 13.80
C THR A 452 -18.26 12.28 13.79
N ALA A 453 -18.05 11.55 14.87
CA ALA A 453 -18.57 10.20 15.00
C ALA A 453 -18.49 9.78 16.46
N PRO A 454 -19.37 8.86 16.86
CA PRO A 454 -19.40 8.35 18.23
C PRO A 454 -18.04 7.76 18.63
N ALA A 455 -17.66 7.94 19.89
CA ALA A 455 -16.40 7.40 20.37
C ALA A 455 -16.45 5.88 20.20
N TYR A 456 -15.28 5.28 19.97
CA TYR A 456 -15.20 3.84 19.82
C TYR A 456 -15.50 3.24 21.19
N VAL A 457 -16.25 2.14 21.21
CA VAL A 457 -16.59 1.47 22.45
C VAL A 457 -16.03 0.04 22.48
N PRO A 458 -15.02 -0.20 23.31
CA PRO A 458 -14.44 -1.55 23.39
C PRO A 458 -15.49 -2.57 23.81
N GLY A 459 -15.55 -3.68 23.08
CA GLY A 459 -16.51 -4.72 23.38
C GLY A 459 -17.63 -4.73 22.34
N THR A 460 -17.72 -3.66 21.56
CA THR A 460 -18.77 -3.56 20.55
C THR A 460 -18.33 -4.15 19.22
N THR A 461 -19.29 -4.72 18.50
CA THR A 461 -19.01 -5.28 17.18
C THR A 461 -19.57 -4.27 16.20
N TYR A 462 -18.82 -4.00 15.14
CA TYR A 462 -19.23 -3.00 14.16
C TYR A 462 -19.44 -3.59 12.78
N ALA A 463 -20.48 -3.10 12.09
CA ALA A 463 -20.79 -3.57 10.75
C ALA A 463 -19.91 -2.82 9.76
N GLN A 464 -19.84 -3.32 8.54
CA GLN A 464 -19.05 -2.69 7.49
C GLN A 464 -19.60 -1.29 7.25
N GLY A 465 -18.71 -0.31 7.16
CA GLY A 465 -19.13 1.06 6.90
C GLY A 465 -19.32 1.93 8.13
N ALA A 466 -19.27 1.34 9.32
CA ALA A 466 -19.45 2.08 10.57
C ALA A 466 -18.32 3.09 10.86
N LEU A 467 -18.71 4.25 11.40
CA LEU A 467 -17.77 5.31 11.73
C LEU A 467 -17.66 5.56 13.24
N VAL A 468 -16.44 5.70 13.73
CA VAL A 468 -16.22 5.96 15.15
C VAL A 468 -15.04 6.91 15.31
N SER A 469 -14.95 7.55 16.48
CA SER A 469 -13.82 8.45 16.74
C SER A 469 -12.91 7.78 17.76
N TYR A 470 -11.61 7.80 17.50
CA TYR A 470 -10.64 7.18 18.40
C TYR A 470 -9.29 7.87 18.30
N GLN A 471 -8.79 8.34 19.43
CA GLN A 471 -7.49 9.02 19.47
C GLN A 471 -7.41 10.21 18.50
N GLY A 472 -8.44 11.06 18.52
CA GLY A 472 -8.46 12.23 17.65
C GLY A 472 -8.82 12.08 16.19
N TYR A 473 -8.98 10.84 15.72
CA TYR A 473 -9.34 10.61 14.33
C TYR A 473 -10.68 9.90 14.23
N VAL A 474 -11.31 9.97 13.06
CA VAL A 474 -12.56 9.29 12.80
C VAL A 474 -12.22 8.14 11.85
N TRP A 475 -12.56 6.92 12.27
CA TRP A 475 -12.27 5.71 11.51
C TRP A 475 -13.53 5.03 10.96
N GLN A 476 -13.39 4.38 9.81
CA GLN A 476 -14.49 3.66 9.19
C GLN A 476 -14.08 2.20 8.91
N THR A 477 -14.97 1.24 9.16
CA THR A 477 -14.63 -0.16 8.89
C THR A 477 -14.66 -0.46 7.38
N LYS A 478 -13.78 -1.35 6.94
CA LYS A 478 -13.66 -1.74 5.53
C LYS A 478 -14.47 -2.99 5.16
N TRP A 479 -14.88 -3.74 6.19
CA TRP A 479 -15.69 -4.94 6.00
C TRP A 479 -16.46 -5.17 7.29
N GLY A 480 -17.31 -6.20 7.34
CA GLY A 480 -18.12 -6.43 8.53
C GLY A 480 -17.63 -7.27 9.69
N TYR A 481 -18.39 -7.19 10.79
CA TYR A 481 -18.13 -7.91 12.03
C TYR A 481 -16.80 -7.58 12.69
N ILE A 482 -16.52 -6.29 12.79
CA ILE A 482 -15.28 -5.83 13.40
C ILE A 482 -15.36 -5.87 14.93
N THR A 483 -14.42 -6.57 15.54
CA THR A 483 -14.44 -6.73 16.98
C THR A 483 -13.29 -6.10 17.75
N SER A 484 -12.37 -5.45 17.05
CA SER A 484 -11.31 -4.79 17.78
C SER A 484 -11.22 -3.29 17.47
N ALA A 485 -10.22 -2.64 18.06
CA ALA A 485 -10.04 -1.20 17.96
C ALA A 485 -9.21 -0.61 16.82
N PRO A 486 -9.54 0.65 16.44
CA PRO A 486 -8.82 1.32 15.36
C PRO A 486 -7.33 1.40 15.72
N GLY A 487 -6.48 1.20 14.72
CA GLY A 487 -5.05 1.24 14.97
C GLY A 487 -4.53 -0.11 15.46
N SER A 488 -5.47 -0.95 15.93
CA SER A 488 -5.14 -2.28 16.43
C SER A 488 -5.98 -3.33 15.70
N ASP A 489 -6.50 -2.94 14.53
CA ASP A 489 -7.30 -3.83 13.71
C ASP A 489 -7.34 -3.24 12.31
N SER A 490 -6.68 -3.94 11.38
CA SER A 490 -6.58 -3.51 9.99
C SER A 490 -7.91 -3.35 9.29
N ALA A 491 -8.99 -3.67 9.98
CA ALA A 491 -10.32 -3.55 9.39
C ALA A 491 -10.79 -2.10 9.35
N TRP A 492 -10.07 -1.23 10.08
CA TRP A 492 -10.40 0.20 10.17
C TRP A 492 -9.56 1.11 9.29
N LEU A 493 -10.21 2.13 8.72
CA LEU A 493 -9.55 3.11 7.86
C LEU A 493 -9.70 4.53 8.42
N LYS A 494 -8.60 5.24 8.61
CA LYS A 494 -8.66 6.62 9.10
C LYS A 494 -9.23 7.48 7.95
N VAL A 495 -10.40 8.08 8.16
CA VAL A 495 -11.04 8.87 7.10
C VAL A 495 -11.32 10.34 7.45
N GLY A 496 -11.20 10.70 8.72
CA GLY A 496 -11.46 12.08 9.12
C GLY A 496 -10.71 12.49 10.37
N ARG A 497 -10.90 13.73 10.80
CA ARG A 497 -10.22 14.21 12.02
C ARG A 497 -11.10 15.08 12.91
N VAL A 498 -10.64 15.24 14.16
CA VAL A 498 -11.29 16.04 15.19
C VAL A 498 -12.83 16.03 15.18
N ARG A 499 -13.45 17.20 15.16
CA ARG A 499 -14.91 17.28 15.16
CA SER B 2 6.08 -40.93 -1.67
C SER B 2 5.62 -40.83 -0.21
N THR B 3 5.99 -39.74 0.45
CA THR B 3 5.63 -39.51 1.85
C THR B 3 4.13 -39.56 2.12
N ARG B 4 3.74 -40.34 3.13
CA ARG B 4 2.32 -40.46 3.48
C ARG B 4 1.72 -39.09 3.77
N LYS B 5 0.49 -38.87 3.29
CA LYS B 5 -0.16 -37.59 3.55
C LYS B 5 -0.77 -37.63 4.94
N ALA B 6 -0.73 -36.52 5.64
CA ALA B 6 -1.32 -36.47 6.96
C ALA B 6 -2.84 -36.51 6.80
N VAL B 7 -3.52 -37.12 7.77
CA VAL B 7 -4.99 -37.18 7.82
C VAL B 7 -5.24 -36.82 9.29
N ILE B 8 -5.50 -35.54 9.49
CA ILE B 8 -5.68 -34.96 10.81
C ILE B 8 -7.14 -34.65 11.09
N GLY B 9 -7.72 -35.42 12.00
CA GLY B 9 -9.11 -35.19 12.34
C GLY B 9 -9.31 -34.57 13.71
N TYR B 10 -9.95 -33.41 13.75
CA TYR B 10 -10.26 -32.82 15.05
C TYR B 10 -11.39 -33.70 15.61
N TYR B 11 -11.42 -33.89 16.92
CA TYR B 11 -12.48 -34.65 17.58
C TYR B 11 -13.00 -33.71 18.65
N PHE B 12 -14.20 -33.16 18.45
CA PHE B 12 -14.75 -32.23 19.41
C PHE B 12 -15.81 -32.87 20.30
N ILE B 13 -15.66 -32.72 21.62
CA ILE B 13 -16.66 -33.27 22.51
C ILE B 13 -16.92 -32.27 23.64
N PRO B 14 -18.13 -31.73 23.69
CA PRO B 14 -18.58 -30.74 24.68
C PRO B 14 -18.35 -31.22 26.10
N THR B 15 -18.04 -30.27 26.98
CA THR B 15 -17.81 -30.57 28.39
C THR B 15 -18.96 -31.40 28.97
N ASN B 16 -20.19 -31.05 28.63
CA ASN B 16 -21.35 -31.77 29.17
C ASN B 16 -21.35 -33.23 28.72
N GLN B 17 -20.88 -33.50 27.51
CA GLN B 17 -20.83 -34.87 27.01
C GLN B 17 -19.72 -35.67 27.68
N ILE B 18 -18.64 -34.99 28.08
CA ILE B 18 -17.56 -35.66 28.77
C ILE B 18 -18.06 -36.07 30.16
N ASN B 19 -18.64 -35.11 30.87
CA ASN B 19 -19.14 -35.34 32.23
C ASN B 19 -20.21 -36.43 32.30
N ASN B 20 -20.85 -36.72 31.19
CA ASN B 20 -21.88 -37.76 31.16
C ASN B 20 -21.51 -38.79 30.11
N TYR B 21 -20.21 -38.95 29.88
CA TYR B 21 -19.77 -39.86 28.81
C TYR B 21 -20.32 -41.27 28.91
N THR B 22 -20.86 -41.74 27.79
CA THR B 22 -21.41 -43.09 27.67
C THR B 22 -21.24 -43.48 26.21
N GLU B 23 -21.04 -44.77 25.98
CA GLU B 23 -20.87 -45.27 24.63
C GLU B 23 -22.07 -46.11 24.21
N THR B 24 -23.15 -46.01 24.95
CA THR B 24 -24.34 -46.77 24.62
C THR B 24 -25.63 -45.96 24.54
N ASP B 25 -25.49 -44.64 24.40
CA ASP B 25 -26.66 -43.78 24.31
C ASP B 25 -26.33 -42.55 23.49
N THR B 26 -26.64 -42.59 22.20
CA THR B 26 -26.35 -41.50 21.30
C THR B 26 -27.15 -40.24 21.59
N SER B 27 -28.21 -40.34 22.37
CA SER B 27 -28.95 -39.15 22.69
C SER B 27 -28.10 -38.32 23.66
N VAL B 28 -27.13 -38.96 24.31
CA VAL B 28 -26.25 -38.30 25.29
C VAL B 28 -24.89 -37.96 24.68
N VAL B 29 -24.26 -38.95 24.05
CA VAL B 29 -22.99 -38.77 23.36
C VAL B 29 -23.24 -39.32 21.96
N PRO B 30 -23.55 -38.43 21.00
CA PRO B 30 -23.83 -38.80 19.62
C PRO B 30 -22.75 -39.60 18.89
N PHE B 31 -21.48 -39.30 19.16
CA PHE B 31 -20.40 -40.00 18.48
C PHE B 31 -19.30 -40.35 19.46
N PRO B 32 -19.49 -41.46 20.21
CA PRO B 32 -18.51 -41.94 21.19
C PRO B 32 -17.24 -42.46 20.54
N VAL B 33 -16.16 -42.47 21.29
CA VAL B 33 -14.87 -42.93 20.74
C VAL B 33 -14.95 -44.39 20.25
N SER B 34 -15.91 -45.13 20.80
CA SER B 34 -16.09 -46.54 20.42
C SER B 34 -16.45 -46.69 18.93
N ASN B 35 -16.91 -45.61 18.30
CA ASN B 35 -17.23 -45.64 16.87
C ASN B 35 -15.94 -45.84 16.08
N ILE B 36 -14.81 -45.46 16.68
CA ILE B 36 -13.53 -45.60 16.01
C ILE B 36 -12.89 -46.97 16.26
N THR B 37 -13.06 -47.83 15.27
CA THR B 37 -12.53 -49.19 15.28
C THR B 37 -11.07 -49.19 14.90
N PRO B 38 -10.40 -50.34 15.04
CA PRO B 38 -8.99 -50.44 14.67
C PRO B 38 -8.81 -50.03 13.21
N ALA B 39 -9.76 -50.44 12.38
CA ALA B 39 -9.73 -50.11 10.97
C ALA B 39 -9.70 -48.61 10.74
N LYS B 40 -10.57 -47.89 11.45
CA LYS B 40 -10.64 -46.44 11.31
C LYS B 40 -9.41 -45.77 11.93
N ALA B 41 -8.86 -46.35 13.00
CA ALA B 41 -7.67 -45.81 13.64
C ALA B 41 -6.50 -45.78 12.66
N LYS B 42 -6.46 -46.77 11.78
CA LYS B 42 -5.41 -46.86 10.78
C LYS B 42 -5.58 -45.80 9.66
N GLN B 43 -6.78 -45.23 9.57
CA GLN B 43 -7.06 -44.24 8.52
C GLN B 43 -6.63 -42.83 8.90
N LEU B 44 -6.33 -42.64 10.19
CA LEU B 44 -5.93 -41.34 10.69
C LEU B 44 -4.43 -41.29 10.99
N THR B 45 -3.81 -40.11 10.87
CA THR B 45 -2.42 -39.97 11.31
C THR B 45 -2.44 -39.17 12.61
N HIS B 46 -3.46 -38.31 12.77
CA HIS B 46 -3.60 -37.48 13.97
C HIS B 46 -5.05 -37.29 14.35
N ILE B 47 -5.31 -37.25 15.65
CA ILE B 47 -6.63 -36.89 16.14
C ILE B 47 -6.37 -35.68 17.08
N ASN B 48 -7.03 -34.54 16.82
CA ASN B 48 -6.83 -33.38 17.70
C ASN B 48 -8.00 -33.31 18.66
N PHE B 49 -7.79 -33.76 19.89
CA PHE B 49 -8.84 -33.71 20.87
C PHE B 49 -9.15 -32.22 21.11
N SER B 50 -10.43 -31.84 21.02
CA SER B 50 -10.82 -30.42 21.15
C SER B 50 -11.91 -30.24 22.21
N PHE B 51 -11.79 -29.27 23.13
CA PHE B 51 -10.67 -28.31 23.23
C PHE B 51 -10.21 -28.14 24.67
N LEU B 52 -8.94 -27.75 24.83
CA LEU B 52 -8.39 -27.39 26.14
C LEU B 52 -8.43 -25.84 26.06
N ASP B 53 -8.17 -25.13 27.16
CA ASP B 53 -8.27 -23.68 27.16
C ASP B 53 -7.06 -23.08 27.90
N ILE B 54 -7.08 -21.77 28.08
CA ILE B 54 -6.05 -21.08 28.85
C ILE B 54 -6.83 -20.38 29.96
N ASN B 55 -6.44 -20.58 31.21
CA ASN B 55 -7.14 -19.97 32.34
C ASN B 55 -6.55 -18.63 32.74
N SER B 56 -7.19 -17.99 33.72
CA SER B 56 -6.75 -16.69 34.19
C SER B 56 -5.34 -16.74 34.78
N ASN B 57 -4.87 -17.93 35.16
CA ASN B 57 -3.52 -18.04 35.69
C ASN B 57 -2.55 -18.09 34.50
N LEU B 58 -3.11 -17.98 33.29
CA LEU B 58 -2.34 -17.99 32.04
C LEU B 58 -1.61 -19.30 31.78
N GLU B 59 -2.29 -20.39 32.12
CA GLU B 59 -1.75 -21.72 31.92
C GLU B 59 -2.77 -22.54 31.16
N CYS B 60 -2.29 -23.52 30.40
CA CYS B 60 -3.18 -24.41 29.67
C CYS B 60 -4.00 -25.19 30.71
N ALA B 61 -5.30 -25.32 30.47
CA ALA B 61 -6.16 -26.03 31.42
C ALA B 61 -7.48 -26.49 30.84
N TRP B 62 -8.05 -27.50 31.47
CA TRP B 62 -9.37 -27.97 31.06
C TRP B 62 -10.39 -26.97 31.59
N ASP B 63 -11.55 -26.90 30.95
CA ASP B 63 -12.63 -26.05 31.45
C ASP B 63 -12.84 -26.55 32.89
N PRO B 64 -12.88 -25.63 33.88
CA PRO B 64 -13.07 -26.00 35.28
C PRO B 64 -14.31 -26.87 35.55
N ALA B 65 -15.31 -26.75 34.71
CA ALA B 65 -16.55 -27.53 34.85
C ALA B 65 -16.35 -29.00 34.47
N THR B 66 -15.21 -29.30 33.88
CA THR B 66 -14.90 -30.67 33.45
C THR B 66 -14.62 -31.62 34.60
N ASN B 67 -15.28 -32.78 34.59
CA ASN B 67 -15.05 -33.80 35.59
C ASN B 67 -13.71 -34.40 35.17
N ASP B 68 -12.68 -34.21 35.98
CA ASP B 68 -11.37 -34.70 35.60
C ASP B 68 -11.31 -36.19 35.31
N ALA B 69 -11.96 -36.99 36.16
CA ALA B 69 -11.96 -38.44 35.97
C ALA B 69 -12.53 -38.80 34.61
N LYS B 70 -13.68 -38.24 34.26
CA LYS B 70 -14.27 -38.55 32.96
C LYS B 70 -13.41 -38.06 31.79
N ALA B 71 -12.66 -36.99 32.00
CA ALA B 71 -11.82 -36.43 30.95
C ALA B 71 -10.69 -37.37 30.56
N ARG B 72 -9.95 -37.86 31.55
CA ARG B 72 -8.84 -38.76 31.26
C ARG B 72 -9.36 -40.05 30.60
N ASP B 73 -10.54 -40.49 31.00
CA ASP B 73 -11.13 -41.69 30.41
C ASP B 73 -11.40 -41.51 28.92
N VAL B 74 -11.99 -40.36 28.57
CA VAL B 74 -12.28 -40.10 27.15
C VAL B 74 -10.94 -40.04 26.42
N VAL B 75 -9.99 -39.32 27.01
CA VAL B 75 -8.67 -39.22 26.42
C VAL B 75 -7.98 -40.60 26.34
N ASN B 76 -8.15 -41.47 27.37
CA ASN B 76 -7.53 -42.81 27.32
C ASN B 76 -8.12 -43.65 26.18
N ARG B 77 -9.41 -43.46 25.92
CA ARG B 77 -10.07 -44.19 24.84
C ARG B 77 -9.45 -43.80 23.50
N LEU B 78 -9.08 -42.53 23.35
CA LEU B 78 -8.42 -42.09 22.10
C LEU B 78 -6.96 -42.60 22.05
N THR B 79 -6.23 -42.51 23.14
CA THR B 79 -4.85 -42.98 23.09
C THR B 79 -4.74 -44.49 22.94
N ALA B 80 -5.80 -45.21 23.34
CA ALA B 80 -5.81 -46.65 23.22
C ALA B 80 -5.78 -47.02 21.72
N LEU B 81 -6.27 -46.11 20.87
CA LEU B 81 -6.29 -46.36 19.42
C LEU B 81 -4.89 -46.53 18.86
N LYS B 82 -3.90 -45.97 19.57
CA LYS B 82 -2.52 -46.05 19.10
C LYS B 82 -2.04 -47.49 19.02
N ALA B 83 -2.73 -48.37 19.74
CA ALA B 83 -2.40 -49.81 19.75
C ALA B 83 -2.59 -50.41 18.36
N HIS B 84 -3.44 -49.79 17.55
CA HIS B 84 -3.76 -50.25 16.20
C HIS B 84 -3.11 -49.47 15.06
N ASN B 85 -2.31 -48.44 15.39
CA ASN B 85 -1.66 -47.61 14.37
C ASN B 85 -0.43 -46.94 15.01
N PRO B 86 0.79 -47.49 14.77
CA PRO B 86 2.04 -46.95 15.34
C PRO B 86 2.42 -45.55 14.87
N SER B 87 1.69 -45.03 13.88
CA SER B 87 1.94 -43.70 13.38
C SER B 87 0.97 -42.70 14.00
N LEU B 88 -0.10 -43.19 14.62
CA LEU B 88 -1.13 -42.30 15.17
C LEU B 88 -0.74 -41.46 16.38
N ARG B 89 -1.07 -40.16 16.30
CA ARG B 89 -0.82 -39.24 17.41
C ARG B 89 -2.15 -38.66 17.89
N ILE B 90 -2.31 -38.61 19.21
CA ILE B 90 -3.50 -37.99 19.77
C ILE B 90 -2.99 -36.66 20.30
N MET B 91 -3.29 -35.58 19.58
CA MET B 91 -2.87 -34.25 19.97
C MET B 91 -4.05 -33.65 20.76
N PHE B 92 -3.80 -32.53 21.45
CA PHE B 92 -4.93 -31.82 22.07
C PHE B 92 -4.85 -30.42 21.47
N SER B 93 -6.01 -29.82 21.21
CA SER B 93 -6.05 -28.46 20.65
C SER B 93 -6.52 -27.46 21.69
N ILE B 94 -5.79 -26.35 21.79
CA ILE B 94 -6.14 -25.30 22.74
C ILE B 94 -6.79 -24.17 21.99
N GLY B 95 -8.02 -23.87 22.37
CA GLY B 95 -8.69 -22.76 21.72
C GLY B 95 -10.05 -23.11 21.22
N GLY B 96 -10.24 -22.88 19.92
CA GLY B 96 -11.54 -23.12 19.32
C GLY B 96 -12.25 -21.80 19.32
N TRP B 97 -13.34 -21.72 18.56
CA TRP B 97 -14.05 -20.45 18.44
C TRP B 97 -14.63 -19.97 19.75
N TYR B 98 -15.38 -20.83 20.41
CA TYR B 98 -16.02 -20.46 21.68
C TYR B 98 -15.09 -19.87 22.74
N TYR B 99 -13.97 -20.51 22.99
CA TYR B 99 -13.05 -20.01 24.00
C TYR B 99 -12.19 -18.82 23.61
N SER B 100 -11.71 -18.83 22.37
CA SER B 100 -10.75 -17.83 21.93
C SER B 100 -11.07 -16.69 20.99
N ASN B 101 -12.29 -16.60 20.47
CA ASN B 101 -12.60 -15.52 19.56
C ASN B 101 -12.49 -14.21 20.36
N ASP B 102 -12.36 -13.08 19.67
CA ASP B 102 -12.21 -11.77 20.34
C ASP B 102 -13.16 -11.55 21.51
N LEU B 103 -14.39 -12.01 21.36
CA LEU B 103 -15.41 -11.82 22.40
C LEU B 103 -15.69 -13.09 23.16
N GLY B 104 -14.75 -14.04 23.09
CA GLY B 104 -14.88 -15.31 23.78
C GLY B 104 -14.67 -15.28 25.28
N VAL B 105 -15.13 -16.33 25.93
CA VAL B 105 -15.06 -16.44 27.37
C VAL B 105 -13.65 -16.40 27.94
N SER B 106 -12.64 -16.72 27.15
CA SER B 106 -11.28 -16.71 27.68
C SER B 106 -10.27 -15.92 26.83
N HIS B 107 -10.76 -15.08 25.93
CA HIS B 107 -9.85 -14.35 25.04
C HIS B 107 -8.70 -13.61 25.71
N ALA B 108 -9.00 -12.91 26.81
CA ALA B 108 -7.94 -12.16 27.48
C ALA B 108 -6.77 -13.05 27.87
N ASN B 109 -7.09 -14.28 28.27
CA ASN B 109 -6.08 -15.23 28.70
C ASN B 109 -5.09 -15.57 27.58
N TYR B 110 -5.56 -15.65 26.34
CA TYR B 110 -4.64 -15.94 25.22
C TYR B 110 -3.71 -14.74 24.99
N VAL B 111 -4.29 -13.55 24.91
CA VAL B 111 -3.51 -12.33 24.70
C VAL B 111 -2.48 -12.11 25.81
N ASN B 112 -2.86 -12.33 27.06
CA ASN B 112 -1.93 -12.09 28.15
C ASN B 112 -0.85 -13.16 28.35
N ALA B 113 -1.18 -14.41 28.04
CA ALA B 113 -0.25 -15.50 28.22
C ALA B 113 0.98 -15.37 27.30
N VAL B 114 0.81 -14.76 26.12
CA VAL B 114 1.93 -14.63 25.18
C VAL B 114 2.72 -13.34 25.28
N LYS B 115 2.36 -12.47 26.22
CA LYS B 115 3.02 -11.18 26.37
C LYS B 115 4.50 -11.08 26.69
N THR B 116 4.98 -11.89 27.62
CA THR B 116 6.37 -11.78 28.05
C THR B 116 7.14 -13.08 28.05
N PRO B 117 8.49 -12.98 28.17
CA PRO B 117 9.27 -14.21 28.20
C PRO B 117 8.79 -15.05 29.38
N ALA B 118 8.47 -14.39 30.49
CA ALA B 118 8.00 -15.08 31.66
C ALA B 118 6.64 -15.74 31.44
N SER B 119 5.68 -15.00 30.91
CA SER B 119 4.36 -15.57 30.70
C SER B 119 4.44 -16.71 29.68
N ARG B 120 5.20 -16.50 28.60
CA ARG B 120 5.36 -17.52 27.55
C ARG B 120 5.99 -18.80 28.11
N ALA B 121 7.00 -18.62 28.96
CA ALA B 121 7.65 -19.76 29.58
C ALA B 121 6.66 -20.51 30.47
N LYS B 122 5.91 -19.79 31.30
CA LYS B 122 4.94 -20.44 32.17
C LYS B 122 3.86 -21.18 31.36
N PHE B 123 3.39 -20.51 30.31
CA PHE B 123 2.36 -21.11 29.46
C PHE B 123 2.90 -22.32 28.73
N ALA B 124 4.04 -22.17 28.07
CA ALA B 124 4.62 -23.30 27.34
C ALA B 124 4.81 -24.51 28.28
N GLN B 125 5.36 -24.27 29.48
CA GLN B 125 5.56 -25.36 30.42
C GLN B 125 4.24 -26.05 30.74
N SER B 126 3.19 -25.26 30.94
CA SER B 126 1.88 -25.83 31.26
C SER B 126 1.34 -26.72 30.12
N CYS B 127 1.64 -26.34 28.88
CA CYS B 127 1.18 -27.12 27.72
C CYS B 127 1.85 -28.48 27.75
N VAL B 128 3.16 -28.48 28.02
CA VAL B 128 3.90 -29.72 28.08
C VAL B 128 3.46 -30.57 29.26
N ARG B 129 3.19 -29.93 30.40
CA ARG B 129 2.72 -30.66 31.57
C ARG B 129 1.37 -31.33 31.29
N ILE B 130 0.44 -30.59 30.69
CA ILE B 130 -0.88 -31.15 30.37
C ILE B 130 -0.71 -32.32 29.42
N MET B 131 0.16 -32.14 28.43
CA MET B 131 0.41 -33.19 27.44
C MET B 131 0.85 -34.49 28.13
N LYS B 132 1.82 -34.37 29.03
CA LYS B 132 2.33 -35.54 29.72
C LYS B 132 1.38 -36.12 30.76
N ASP B 133 0.64 -35.24 31.45
CA ASP B 133 -0.28 -35.65 32.48
C ASP B 133 -1.42 -36.49 31.92
N TYR B 134 -1.94 -36.10 30.76
CA TYR B 134 -3.06 -36.79 30.16
C TYR B 134 -2.74 -37.82 29.06
N GLY B 135 -1.49 -37.87 28.63
CA GLY B 135 -1.08 -38.87 27.64
C GLY B 135 -1.17 -38.46 26.18
N PHE B 136 -1.16 -37.16 25.91
CA PHE B 136 -1.25 -36.64 24.54
C PHE B 136 0.11 -36.71 23.87
N ASP B 137 0.09 -36.63 22.55
CA ASP B 137 1.31 -36.74 21.76
C ASP B 137 1.78 -35.45 21.14
N GLY B 138 1.09 -34.35 21.42
CA GLY B 138 1.51 -33.11 20.80
C GLY B 138 0.51 -32.01 21.09
N VAL B 139 0.85 -30.81 20.63
CA VAL B 139 0.03 -29.63 20.87
C VAL B 139 -0.43 -28.91 19.60
N ASP B 140 -1.73 -28.61 19.54
CA ASP B 140 -2.30 -27.82 18.44
C ASP B 140 -2.87 -26.55 19.06
N ILE B 141 -2.52 -25.40 18.50
CA ILE B 141 -3.09 -24.15 19.01
C ILE B 141 -4.12 -23.61 18.03
N ASN B 142 -5.36 -23.39 18.49
CA ASN B 142 -6.43 -22.85 17.65
C ASN B 142 -6.99 -21.53 18.23
N TRP B 143 -6.14 -20.50 18.28
CA TRP B 143 -6.56 -19.18 18.76
C TRP B 143 -7.10 -18.49 17.53
N GLU B 144 -8.37 -18.09 17.59
CA GLU B 144 -9.04 -17.45 16.47
C GLU B 144 -9.42 -15.99 16.75
N TYR B 145 -8.52 -15.03 16.54
CA TYR B 145 -7.17 -15.19 16.03
C TYR B 145 -6.32 -14.06 16.62
N PRO B 146 -5.00 -14.27 16.77
CA PRO B 146 -4.19 -13.18 17.34
C PRO B 146 -4.15 -12.03 16.34
N GLN B 147 -3.95 -10.80 16.78
CA GLN B 147 -3.82 -9.83 15.71
C GLN B 147 -2.69 -8.87 15.81
N ALA B 148 -2.28 -8.43 14.64
CA ALA B 148 -1.17 -7.53 14.44
C ALA B 148 -0.27 -7.43 15.68
N ALA B 149 -0.70 -6.64 16.64
CA ALA B 149 0.06 -6.41 17.86
C ALA B 149 0.41 -7.62 18.70
N GLU B 150 -0.43 -8.64 18.67
CA GLU B 150 -0.25 -9.85 19.46
C GLU B 150 0.56 -10.94 18.78
N VAL B 151 0.81 -10.75 17.50
CA VAL B 151 1.48 -11.77 16.70
C VAL B 151 2.91 -12.10 17.12
N ASP B 152 3.71 -11.08 17.45
CA ASP B 152 5.08 -11.37 17.86
C ASP B 152 5.12 -12.22 19.13
N GLY B 153 4.20 -11.98 20.05
CA GLY B 153 4.19 -12.77 21.27
C GLY B 153 3.77 -14.20 20.96
N PHE B 154 2.79 -14.30 20.08
CA PHE B 154 2.25 -15.59 19.63
C PHE B 154 3.40 -16.42 19.06
N ILE B 155 4.15 -15.80 18.15
CA ILE B 155 5.29 -16.45 17.51
C ILE B 155 6.28 -16.92 18.57
N ALA B 156 6.64 -16.03 19.49
CA ALA B 156 7.58 -16.38 20.54
C ALA B 156 7.07 -17.52 21.39
N ALA B 157 5.75 -17.56 21.58
CA ALA B 157 5.14 -18.61 22.37
C ALA B 157 5.27 -19.97 21.67
N LEU B 158 5.02 -19.98 20.36
CA LEU B 158 5.16 -21.19 19.56
C LEU B 158 6.62 -21.65 19.60
N GLN B 159 7.55 -20.70 19.50
CA GLN B 159 8.98 -21.07 19.53
C GLN B 159 9.36 -21.67 20.88
N GLU B 160 8.80 -21.16 21.97
CA GLU B 160 9.11 -21.72 23.29
C GLU B 160 8.50 -23.12 23.41
N ILE B 161 7.26 -23.30 22.98
CA ILE B 161 6.64 -24.62 23.05
C ILE B 161 7.52 -25.61 22.27
N ARG B 162 8.03 -25.18 21.12
CA ARG B 162 8.89 -26.04 20.28
C ARG B 162 10.13 -26.50 21.06
N THR B 163 10.78 -25.57 21.73
CA THR B 163 11.97 -25.93 22.48
C THR B 163 11.62 -26.96 23.55
N LEU B 164 10.56 -26.71 24.31
CA LEU B 164 10.20 -27.63 25.36
C LEU B 164 9.78 -29.00 24.87
N LEU B 165 9.11 -29.04 23.72
CA LEU B 165 8.68 -30.33 23.18
C LEU B 165 9.85 -31.17 22.72
N ASN B 166 10.78 -30.55 22.00
CA ASN B 166 11.95 -31.25 21.49
C ASN B 166 12.75 -31.83 22.65
N GLN B 167 12.79 -31.10 23.76
CA GLN B 167 13.51 -31.57 24.94
C GLN B 167 12.75 -32.72 25.57
N GLN B 168 11.43 -32.61 25.59
CA GLN B 168 10.62 -33.68 26.18
C GLN B 168 10.77 -34.95 25.34
N THR B 169 10.93 -34.78 24.03
CA THR B 169 11.09 -35.92 23.12
C THR B 169 12.40 -36.65 23.45
N ILE B 170 13.50 -35.91 23.58
CA ILE B 170 14.79 -36.52 23.91
C ILE B 170 14.73 -37.15 25.29
N THR B 171 14.22 -36.38 26.24
CA THR B 171 14.07 -36.84 27.62
C THR B 171 13.24 -38.11 27.73
N ASP B 172 12.20 -38.24 26.89
CA ASP B 172 11.33 -39.41 26.92
C ASP B 172 11.75 -40.50 25.93
N GLY B 173 12.84 -40.26 25.21
CA GLY B 173 13.33 -41.21 24.23
C GLY B 173 12.29 -41.45 23.14
N ARG B 174 11.56 -40.38 22.79
CA ARG B 174 10.49 -40.49 21.80
C ARG B 174 10.89 -40.13 20.37
N GLN B 175 12.17 -40.32 20.05
CA GLN B 175 12.69 -40.04 18.72
C GLN B 175 11.93 -40.72 17.59
N ALA B 176 11.33 -41.88 17.86
CA ALA B 176 10.57 -42.59 16.82
C ALA B 176 9.20 -41.94 16.59
N LEU B 177 8.69 -41.20 17.58
CA LEU B 177 7.40 -40.52 17.40
C LEU B 177 7.48 -39.24 18.21
N PRO B 178 8.28 -38.28 17.74
CA PRO B 178 8.53 -36.98 18.35
C PRO B 178 7.27 -36.23 18.65
N TYR B 179 7.26 -35.52 19.76
CA TYR B 179 6.08 -34.73 20.11
C TYR B 179 5.96 -33.65 19.06
N GLN B 180 4.73 -33.32 18.67
CA GLN B 180 4.53 -32.35 17.63
C GLN B 180 3.76 -31.12 18.06
N LEU B 181 3.92 -30.08 17.25
CA LEU B 181 3.28 -28.78 17.46
C LEU B 181 2.66 -28.28 16.16
N THR B 182 1.37 -27.96 16.23
CA THR B 182 0.66 -27.44 15.07
C THR B 182 -0.23 -26.28 15.48
N ILE B 183 -0.79 -25.60 14.48
CA ILE B 183 -1.81 -24.59 14.75
C ILE B 183 -2.83 -24.72 13.65
N ALA B 184 -4.03 -24.19 13.93
CA ALA B 184 -5.12 -24.14 12.96
C ALA B 184 -5.06 -22.69 12.49
N GLY B 185 -5.10 -22.49 11.18
CA GLY B 185 -5.02 -21.15 10.64
C GLY B 185 -6.24 -20.78 9.83
N ALA B 186 -6.51 -19.49 9.74
CA ALA B 186 -7.65 -19.00 8.98
C ALA B 186 -7.56 -19.39 7.51
N GLY B 187 -8.71 -19.63 6.89
CA GLY B 187 -8.76 -19.94 5.48
C GLY B 187 -9.22 -18.67 4.76
N GLY B 188 -10.12 -17.91 5.38
CA GLY B 188 -10.62 -16.70 4.74
C GLY B 188 -9.67 -15.54 4.94
N ALA B 189 -9.58 -14.68 3.91
CA ALA B 189 -8.68 -13.51 3.91
C ALA B 189 -8.88 -12.47 5.00
N PHE B 190 -10.12 -12.32 5.48
CA PHE B 190 -10.44 -11.36 6.50
C PHE B 190 -9.69 -11.62 7.80
N PHE B 191 -9.83 -12.81 8.35
CA PHE B 191 -9.09 -13.09 9.58
C PHE B 191 -7.62 -13.35 9.27
N LEU B 192 -7.35 -13.93 8.12
CA LEU B 192 -5.97 -14.21 7.75
C LEU B 192 -5.10 -12.93 7.73
N SER B 193 -5.70 -11.83 7.33
CA SER B 193 -5.01 -10.55 7.20
C SER B 193 -4.42 -10.05 8.54
N ARG B 194 -4.91 -10.60 9.64
CA ARG B 194 -4.40 -10.19 10.95
C ARG B 194 -2.93 -10.57 11.19
N TYR B 195 -2.51 -11.72 10.67
CA TYR B 195 -1.15 -12.20 10.93
C TYR B 195 -0.42 -12.70 9.67
N TYR B 196 -1.06 -12.53 8.53
CA TYR B 196 -0.54 -12.94 7.25
C TYR B 196 0.91 -12.50 6.98
N SER B 197 1.21 -11.23 7.26
CA SER B 197 2.55 -10.68 7.04
C SER B 197 3.64 -11.48 7.76
N LYS B 198 3.28 -12.19 8.82
CA LYS B 198 4.28 -12.96 9.56
C LYS B 198 4.18 -14.47 9.45
N LEU B 199 3.48 -14.94 8.42
CA LEU B 199 3.32 -16.38 8.27
C LEU B 199 4.59 -17.20 8.34
N ALA B 200 5.69 -16.71 7.76
CA ALA B 200 6.92 -17.51 7.78
C ALA B 200 7.37 -17.78 9.20
N GLN B 201 7.38 -16.73 10.01
CA GLN B 201 7.80 -16.88 11.40
C GLN B 201 6.84 -17.76 12.17
N ILE B 202 5.54 -17.64 11.86
CA ILE B 202 4.55 -18.44 12.55
C ILE B 202 4.68 -19.93 12.23
N VAL B 203 4.96 -20.23 10.97
CA VAL B 203 5.06 -21.62 10.57
C VAL B 203 6.38 -22.32 10.85
N ALA B 204 7.47 -21.56 10.99
CA ALA B 204 8.78 -22.16 11.25
C ALA B 204 8.84 -23.20 12.38
N PRO B 205 8.28 -22.93 13.58
CA PRO B 205 8.33 -23.92 14.66
C PRO B 205 7.28 -25.04 14.58
N LEU B 206 6.46 -25.00 13.53
CA LEU B 206 5.38 -25.99 13.40
C LEU B 206 5.69 -27.18 12.50
N ASP B 207 5.05 -28.31 12.79
CA ASP B 207 5.17 -29.50 11.95
C ASP B 207 4.19 -29.25 10.80
N TYR B 208 3.04 -28.66 11.14
CA TYR B 208 1.98 -28.38 10.18
C TYR B 208 1.11 -27.19 10.56
N ILE B 209 0.55 -26.52 9.55
CA ILE B 209 -0.45 -25.48 9.79
C ILE B 209 -1.73 -26.06 9.13
N ASN B 210 -2.77 -26.23 9.96
CA ASN B 210 -4.05 -26.80 9.52
C ASN B 210 -4.94 -25.66 9.04
N LEU B 211 -5.08 -25.53 7.74
CA LEU B 211 -5.88 -24.46 7.18
C LEU B 211 -7.35 -24.78 7.28
N MET B 212 -8.09 -23.88 7.91
CA MET B 212 -9.53 -24.02 8.09
C MET B 212 -10.23 -23.53 6.82
N THR B 213 -10.07 -24.29 5.75
CA THR B 213 -10.70 -23.95 4.47
C THR B 213 -12.16 -24.45 4.41
N TYR B 214 -12.98 -23.82 5.23
CA TYR B 214 -14.40 -24.11 5.32
C TYR B 214 -14.98 -22.88 6.02
N ASP B 215 -16.29 -22.83 6.24
CA ASP B 215 -16.90 -21.62 6.83
C ASP B 215 -16.58 -20.41 5.94
N LEU B 216 -16.38 -20.65 4.64
CA LEU B 216 -16.08 -19.56 3.69
C LEU B 216 -17.38 -18.93 3.19
N ALA B 217 -18.50 -19.48 3.66
CA ALA B 217 -19.83 -18.96 3.35
C ALA B 217 -20.69 -19.39 4.50
N GLY B 218 -21.80 -18.67 4.68
CA GLY B 218 -22.68 -18.98 5.77
C GLY B 218 -23.76 -17.92 5.90
N PRO B 219 -24.75 -18.14 6.77
CA PRO B 219 -25.89 -17.25 7.04
C PRO B 219 -25.47 -15.79 7.27
N TRP B 220 -24.31 -15.61 7.91
CA TRP B 220 -23.79 -14.29 8.23
C TRP B 220 -23.34 -13.46 7.01
N GLU B 221 -23.41 -14.03 5.81
CA GLU B 221 -23.07 -13.28 4.60
C GLU B 221 -24.38 -13.16 3.77
N LYS B 222 -24.51 -12.06 3.02
CA LYS B 222 -25.71 -11.77 2.23
C LYS B 222 -26.16 -12.75 1.13
N VAL B 223 -25.22 -13.32 0.40
CA VAL B 223 -25.53 -14.24 -0.69
C VAL B 223 -25.18 -15.69 -0.35
N THR B 224 -26.07 -16.63 -0.68
CA THR B 224 -25.80 -18.04 -0.42
C THR B 224 -24.62 -18.45 -1.27
N ASN B 225 -23.78 -19.33 -0.73
CA ASN B 225 -22.61 -19.76 -1.46
C ASN B 225 -22.06 -21.04 -0.83
N HIS B 226 -21.14 -21.67 -1.53
CA HIS B 226 -20.50 -22.90 -1.08
C HIS B 226 -19.55 -22.47 0.04
N GLN B 227 -19.58 -23.16 1.17
CA GLN B 227 -18.70 -22.80 2.28
C GLN B 227 -17.27 -23.34 2.10
N ALA B 228 -17.08 -24.20 1.11
CA ALA B 228 -15.77 -24.77 0.82
C ALA B 228 -15.56 -25.10 -0.66
N ALA B 229 -15.92 -24.17 -1.54
CA ALA B 229 -15.67 -24.37 -2.96
C ALA B 229 -14.16 -24.56 -3.17
N LEU B 230 -13.76 -25.54 -3.96
CA LEU B 230 -12.35 -25.77 -4.26
C LEU B 230 -11.84 -24.66 -5.17
N PHE B 231 -12.60 -24.41 -6.24
CA PHE B 231 -12.27 -23.35 -7.19
C PHE B 231 -13.48 -22.43 -7.30
N GLY B 232 -13.31 -21.29 -7.97
CA GLY B 232 -14.38 -20.36 -8.06
C GLY B 232 -15.33 -20.52 -9.24
N ASP B 233 -16.54 -20.01 -9.05
CA ASP B 233 -17.60 -20.02 -10.02
C ASP B 233 -17.87 -18.53 -10.32
N ALA B 234 -17.75 -18.13 -11.59
CA ALA B 234 -17.99 -16.73 -11.95
C ALA B 234 -19.41 -16.27 -11.60
N ALA B 235 -20.31 -17.22 -11.42
CA ALA B 235 -21.68 -16.84 -11.07
C ALA B 235 -21.81 -16.56 -9.59
N GLY B 236 -20.78 -16.94 -8.81
CA GLY B 236 -20.84 -16.72 -7.37
C GLY B 236 -20.42 -15.34 -6.89
N PRO B 237 -20.66 -15.04 -5.61
CA PRO B 237 -20.27 -13.73 -5.08
C PRO B 237 -18.78 -13.58 -4.95
N THR B 238 -18.31 -12.34 -4.99
CA THR B 238 -16.89 -12.09 -4.80
C THR B 238 -16.75 -11.17 -3.59
N PHE B 239 -15.55 -11.08 -3.04
CA PHE B 239 -15.34 -10.27 -1.86
C PHE B 239 -14.08 -9.45 -1.97
N TYR B 240 -13.98 -8.40 -1.16
CA TYR B 240 -12.77 -7.58 -1.17
C TYR B 240 -11.67 -8.45 -0.58
N ASN B 241 -10.50 -8.44 -1.20
CA ASN B 241 -9.39 -9.22 -0.72
C ASN B 241 -8.70 -8.49 0.44
N ALA B 242 -9.11 -8.78 1.67
CA ALA B 242 -8.53 -8.12 2.84
C ALA B 242 -7.00 -8.18 3.00
N LEU B 243 -6.33 -9.09 2.32
CA LEU B 243 -4.89 -9.18 2.48
C LEU B 243 -4.19 -7.91 1.99
N ARG B 244 -4.90 -7.12 1.18
CA ARG B 244 -4.36 -5.88 0.64
C ARG B 244 -4.16 -4.90 1.78
N GLU B 245 -4.82 -5.15 2.91
CA GLU B 245 -4.72 -4.26 4.07
C GLU B 245 -3.76 -4.75 5.15
N ALA B 246 -3.10 -5.87 4.89
CA ALA B 246 -2.15 -6.42 5.85
C ALA B 246 -0.89 -5.55 5.89
N ASN B 247 -0.29 -5.39 7.06
CA ASN B 247 0.91 -4.56 7.17
C ASN B 247 2.10 -5.25 6.51
N LEU B 248 2.12 -5.21 5.17
CA LEU B 248 3.16 -5.87 4.40
C LEU B 248 4.34 -5.02 3.95
N GLY B 249 4.13 -3.72 3.76
CA GLY B 249 5.22 -2.88 3.29
C GLY B 249 5.42 -3.03 1.78
N TRP B 250 4.37 -3.47 1.09
CA TRP B 250 4.46 -3.63 -0.36
C TRP B 250 3.83 -2.43 -1.07
N SER B 251 4.21 -2.22 -2.32
CA SER B 251 3.69 -1.10 -3.10
C SER B 251 2.29 -1.39 -3.62
N TRP B 252 1.65 -0.36 -4.19
CA TRP B 252 0.31 -0.53 -4.75
C TRP B 252 0.31 -1.65 -5.80
N GLU B 253 1.28 -1.58 -6.74
CA GLU B 253 1.36 -2.61 -7.77
C GLU B 253 1.55 -3.99 -7.18
N GLU B 254 2.42 -4.12 -6.18
CA GLU B 254 2.69 -5.41 -5.56
C GLU B 254 1.45 -5.96 -4.85
N LEU B 255 0.72 -5.09 -4.15
CA LEU B 255 -0.47 -5.52 -3.44
C LEU B 255 -1.57 -5.96 -4.41
N THR B 256 -1.77 -5.16 -5.46
CA THR B 256 -2.77 -5.44 -6.48
C THR B 256 -2.47 -6.74 -7.22
N ARG B 257 -1.20 -6.98 -7.54
CA ARG B 257 -0.77 -8.18 -8.26
C ARG B 257 -0.88 -9.44 -7.39
N ALA B 258 -0.55 -9.28 -6.11
CA ALA B 258 -0.59 -10.38 -5.16
C ALA B 258 -1.99 -10.71 -4.70
N PHE B 259 -2.84 -9.69 -4.63
CA PHE B 259 -4.20 -9.86 -4.14
C PHE B 259 -5.34 -9.37 -5.05
N PRO B 260 -5.63 -10.13 -6.13
CA PRO B 260 -6.71 -9.71 -7.02
C PRO B 260 -7.96 -9.44 -6.16
N SER B 261 -8.73 -8.45 -6.54
CA SER B 261 -9.93 -8.12 -5.78
C SER B 261 -10.92 -7.40 -6.66
N PRO B 262 -12.22 -7.73 -6.55
CA PRO B 262 -12.70 -8.76 -5.62
C PRO B 262 -12.34 -10.17 -6.10
N PHE B 263 -12.35 -11.13 -5.17
CA PHE B 263 -11.97 -12.49 -5.55
C PHE B 263 -12.97 -13.50 -5.01
N SER B 264 -12.83 -14.75 -5.46
CA SER B 264 -13.71 -15.81 -5.00
C SER B 264 -13.10 -16.48 -3.80
N LEU B 265 -13.86 -16.48 -2.72
CA LEU B 265 -13.42 -17.08 -1.48
C LEU B 265 -13.48 -18.60 -1.70
N THR B 266 -12.32 -19.21 -1.92
CA THR B 266 -12.23 -20.65 -2.17
C THR B 266 -11.09 -21.33 -1.41
N VAL B 267 -11.07 -22.66 -1.46
CA VAL B 267 -10.00 -23.43 -0.81
C VAL B 267 -8.69 -23.16 -1.54
N ASP B 268 -8.74 -23.17 -2.86
CA ASP B 268 -7.58 -22.87 -3.70
C ASP B 268 -7.02 -21.47 -3.37
N ALA B 269 -7.89 -20.48 -3.21
CA ALA B 269 -7.43 -19.12 -2.89
C ALA B 269 -6.66 -19.13 -1.58
N ALA B 270 -7.24 -19.74 -0.55
CA ALA B 270 -6.58 -19.80 0.75
C ALA B 270 -5.21 -20.50 0.65
N VAL B 271 -5.14 -21.64 -0.04
CA VAL B 271 -3.90 -22.35 -0.18
C VAL B 271 -2.84 -21.55 -0.95
N GLN B 272 -3.23 -21.00 -2.09
CA GLN B 272 -2.31 -20.23 -2.93
C GLN B 272 -1.85 -18.97 -2.19
N GLN B 273 -2.73 -18.34 -1.40
CA GLN B 273 -2.31 -17.15 -0.64
C GLN B 273 -1.20 -17.52 0.34
N HIS B 274 -1.26 -18.72 0.91
CA HIS B 274 -0.20 -19.15 1.84
C HIS B 274 1.11 -19.47 1.11
N LEU B 275 1.00 -20.19 -0.02
CA LEU B 275 2.17 -20.58 -0.80
C LEU B 275 2.91 -19.39 -1.39
N MET B 276 2.17 -18.30 -1.59
CA MET B 276 2.65 -17.04 -2.14
C MET B 276 3.69 -16.44 -1.20
N MET B 277 3.56 -16.73 0.09
CA MET B 277 4.50 -16.18 1.05
C MET B 277 5.81 -16.93 1.16
N GLU B 278 6.89 -16.19 1.04
CA GLU B 278 8.22 -16.76 1.16
C GLU B 278 8.37 -17.44 2.53
N GLY B 279 8.99 -18.61 2.55
CA GLY B 279 9.20 -19.30 3.82
C GLY B 279 8.07 -20.20 4.30
N VAL B 280 7.00 -20.31 3.52
CA VAL B 280 5.88 -21.18 3.89
C VAL B 280 5.92 -22.39 2.96
N PRO B 281 6.49 -23.52 3.44
CA PRO B 281 6.57 -24.73 2.62
C PRO B 281 5.25 -25.45 2.43
N SER B 282 4.98 -25.90 1.19
CA SER B 282 3.75 -26.60 0.91
C SER B 282 3.59 -27.86 1.77
N ALA B 283 4.69 -28.56 2.07
CA ALA B 283 4.61 -29.77 2.87
C ALA B 283 4.08 -29.55 4.27
N LYS B 284 4.10 -28.30 4.73
CA LYS B 284 3.57 -28.03 6.06
C LYS B 284 2.13 -27.63 6.02
N ILE B 285 1.62 -27.33 4.83
CA ILE B 285 0.22 -26.91 4.69
C ILE B 285 -0.70 -28.12 4.69
N VAL B 286 -1.71 -28.11 5.55
CA VAL B 286 -2.66 -29.20 5.62
C VAL B 286 -4.02 -28.58 5.31
N MET B 287 -4.68 -29.11 4.27
CA MET B 287 -5.95 -28.55 3.84
C MET B 287 -7.14 -29.05 4.66
N GLY B 288 -7.86 -28.12 5.26
CA GLY B 288 -9.03 -28.52 6.03
C GLY B 288 -10.25 -28.75 5.15
N VAL B 289 -11.13 -29.65 5.60
CA VAL B 289 -12.40 -29.94 4.91
C VAL B 289 -13.45 -30.11 6.00
N PRO B 290 -14.71 -29.69 5.75
CA PRO B 290 -15.77 -29.82 6.75
C PRO B 290 -16.56 -31.12 6.68
N PHE B 291 -16.94 -31.65 7.85
CA PHE B 291 -17.74 -32.88 7.92
C PHE B 291 -19.17 -32.45 8.28
N TYR B 292 -19.49 -31.19 8.00
CA TYR B 292 -20.82 -30.64 8.29
C TYR B 292 -21.22 -29.65 7.18
N GLY B 293 -22.49 -29.30 7.15
CA GLY B 293 -22.98 -28.36 6.18
C GLY B 293 -23.66 -27.19 6.87
N ARG B 294 -23.89 -26.13 6.12
CA ARG B 294 -24.56 -24.95 6.65
C ARG B 294 -25.77 -24.73 5.75
N ALA B 295 -26.90 -24.45 6.38
CA ALA B 295 -28.15 -24.30 5.64
C ALA B 295 -28.67 -22.87 5.65
N PHE B 296 -29.41 -22.51 4.59
CA PHE B 296 -30.01 -21.18 4.43
C PHE B 296 -31.47 -21.35 4.03
N LYS B 297 -32.29 -20.37 4.39
CA LYS B 297 -33.69 -20.40 4.05
C LYS B 297 -34.08 -19.13 3.27
N GLY B 298 -35.19 -19.19 2.55
CA GLY B 298 -35.66 -18.04 1.80
C GLY B 298 -34.87 -17.79 0.54
N VAL B 299 -34.39 -18.86 -0.08
CA VAL B 299 -33.59 -18.74 -1.29
C VAL B 299 -34.44 -18.76 -2.57
N SER B 300 -33.97 -18.07 -3.59
CA SER B 300 -34.67 -18.01 -4.87
C SER B 300 -34.32 -19.23 -5.73
N GLY B 301 -35.24 -19.63 -6.59
CA GLY B 301 -34.99 -20.76 -7.45
C GLY B 301 -34.33 -20.31 -8.73
N GLY B 302 -33.91 -21.25 -9.57
CA GLY B 302 -33.27 -20.87 -10.81
C GLY B 302 -31.85 -21.38 -10.94
N ASN B 303 -31.11 -21.38 -9.84
CA ASN B 303 -29.75 -21.86 -9.87
C ASN B 303 -29.48 -22.82 -8.71
N GLY B 304 -30.47 -23.66 -8.43
CA GLY B 304 -30.34 -24.63 -7.36
C GLY B 304 -30.19 -23.99 -5.99
N GLY B 305 -30.65 -22.75 -5.86
CA GLY B 305 -30.55 -22.06 -4.59
C GLY B 305 -29.19 -21.38 -4.40
N GLN B 306 -28.28 -21.59 -5.33
CA GLN B 306 -26.95 -20.99 -5.23
C GLN B 306 -26.95 -19.51 -5.57
N TYR B 307 -26.07 -18.78 -4.89
CA TYR B 307 -25.86 -17.35 -5.09
C TYR B 307 -27.12 -16.51 -5.05
N SER B 308 -27.99 -16.81 -4.10
CA SER B 308 -29.25 -16.08 -3.98
C SER B 308 -29.41 -15.44 -2.62
N SER B 309 -30.34 -14.49 -2.53
CA SER B 309 -30.63 -13.82 -1.27
C SER B 309 -31.32 -14.84 -0.39
N HIS B 310 -31.36 -14.60 0.91
CA HIS B 310 -31.98 -15.53 1.84
C HIS B 310 -32.45 -14.77 3.07
N SER B 311 -33.15 -15.46 3.97
CA SER B 311 -33.66 -14.82 5.18
C SER B 311 -33.19 -15.53 6.44
N THR B 312 -31.96 -16.04 6.42
CA THR B 312 -31.44 -16.76 7.56
C THR B 312 -30.81 -15.93 8.66
N PRO B 313 -31.25 -16.14 9.92
CA PRO B 313 -30.72 -15.41 11.07
C PRO B 313 -29.24 -15.77 11.14
N GLY B 314 -28.38 -14.80 11.44
CA GLY B 314 -26.94 -15.08 11.48
C GLY B 314 -26.30 -15.02 12.86
N GLU B 315 -27.06 -14.55 13.84
CA GLU B 315 -26.56 -14.43 15.20
C GLU B 315 -26.48 -15.74 15.98
N ASP B 316 -25.65 -15.75 17.01
CA ASP B 316 -25.49 -16.92 17.86
C ASP B 316 -25.82 -16.54 19.30
N PRO B 317 -26.72 -17.29 19.95
CA PRO B 317 -27.41 -18.45 19.37
C PRO B 317 -28.63 -18.12 18.50
N TYR B 318 -29.13 -19.13 17.80
CA TYR B 318 -30.29 -19.02 16.94
C TYR B 318 -31.45 -18.48 17.75
N PRO B 319 -31.99 -17.32 17.37
CA PRO B 319 -33.11 -16.74 18.11
C PRO B 319 -34.37 -17.60 18.09
N SER B 320 -34.98 -17.68 16.90
CA SER B 320 -36.21 -18.44 16.67
C SER B 320 -36.26 -19.90 17.13
N THR B 321 -37.48 -20.44 17.17
CA THR B 321 -37.69 -21.83 17.53
C THR B 321 -38.21 -22.52 16.26
N ASP B 322 -38.14 -21.78 15.16
CA ASP B 322 -38.57 -22.30 13.86
C ASP B 322 -37.44 -23.15 13.26
N TYR B 323 -37.53 -24.46 13.43
CA TYR B 323 -36.52 -25.36 12.88
C TYR B 323 -36.97 -25.80 11.51
N TRP B 324 -36.62 -24.99 10.53
CA TRP B 324 -36.99 -25.18 9.15
C TRP B 324 -36.14 -26.11 8.29
N LEU B 325 -35.08 -26.70 8.83
CA LEU B 325 -34.30 -27.60 8.00
C LEU B 325 -35.01 -28.96 8.02
N VAL B 326 -35.97 -29.10 7.10
CA VAL B 326 -36.77 -30.30 6.96
C VAL B 326 -36.01 -31.60 7.16
N GLY B 327 -36.48 -32.40 8.12
CA GLY B 327 -35.86 -33.68 8.39
C GLY B 327 -34.65 -33.67 9.29
N CYS B 328 -34.22 -32.49 9.72
CA CYS B 328 -33.06 -32.40 10.60
C CYS B 328 -33.44 -32.45 12.08
N GLU B 329 -33.45 -33.65 12.65
CA GLU B 329 -33.80 -33.82 14.06
C GLU B 329 -32.61 -33.43 14.94
N GLU B 330 -31.42 -33.49 14.37
CA GLU B 330 -30.21 -33.11 15.08
C GLU B 330 -30.35 -31.60 15.36
N CYS B 331 -30.86 -30.87 14.38
CA CYS B 331 -31.04 -29.43 14.50
C CYS B 331 -32.02 -29.09 15.61
N VAL B 332 -32.99 -29.97 15.82
CA VAL B 332 -33.97 -29.74 16.87
C VAL B 332 -33.29 -29.98 18.23
N ARG B 333 -32.52 -31.06 18.34
CA ARG B 333 -31.80 -31.39 19.56
C ARG B 333 -30.82 -30.27 19.93
N ASP B 334 -30.09 -29.78 18.92
CA ASP B 334 -29.11 -28.74 19.17
C ASP B 334 -29.66 -27.32 19.02
N LYS B 335 -30.93 -27.21 18.64
CA LYS B 335 -31.56 -25.90 18.49
C LYS B 335 -30.86 -25.00 17.50
N ASP B 336 -30.82 -25.43 16.24
CA ASP B 336 -30.19 -24.65 15.19
C ASP B 336 -30.32 -25.38 13.85
N PRO B 337 -31.19 -24.86 12.96
CA PRO B 337 -31.39 -25.47 11.64
C PRO B 337 -30.36 -24.97 10.64
N ARG B 338 -29.38 -24.21 11.13
CA ARG B 338 -28.36 -23.63 10.25
C ARG B 338 -27.14 -24.51 10.03
N ILE B 339 -27.05 -25.61 10.75
CA ILE B 339 -25.90 -26.50 10.59
C ILE B 339 -26.30 -27.93 10.82
N ALA B 340 -25.69 -28.85 10.10
CA ALA B 340 -26.00 -30.25 10.29
C ALA B 340 -24.76 -31.09 9.99
N SER B 341 -24.60 -32.17 10.73
CA SER B 341 -23.48 -33.06 10.47
C SER B 341 -23.71 -33.79 9.13
N TYR B 342 -22.62 -34.23 8.50
CA TYR B 342 -22.78 -34.97 7.27
C TYR B 342 -23.69 -36.17 7.57
N ARG B 343 -23.52 -36.75 8.77
CA ARG B 343 -24.29 -37.90 9.23
C ARG B 343 -25.78 -37.61 9.08
N GLN B 344 -26.21 -36.45 9.59
CA GLN B 344 -27.61 -36.04 9.52
C GLN B 344 -28.04 -35.77 8.10
N LEU B 345 -27.20 -35.06 7.35
CA LEU B 345 -27.54 -34.72 5.97
C LEU B 345 -27.75 -35.97 5.13
N GLU B 346 -26.94 -36.98 5.38
CA GLU B 346 -27.05 -38.22 4.63
C GLU B 346 -28.41 -38.83 4.90
N GLN B 347 -28.88 -38.74 6.14
CA GLN B 347 -30.20 -39.27 6.50
C GLN B 347 -31.35 -38.44 5.97
N MET B 348 -31.11 -37.16 5.74
CA MET B 348 -32.16 -36.30 5.19
C MET B 348 -32.42 -36.73 3.76
N LEU B 349 -31.36 -37.07 3.04
CA LEU B 349 -31.51 -37.53 1.67
C LEU B 349 -32.30 -38.84 1.69
N GLN B 350 -31.92 -39.74 2.58
CA GLN B 350 -32.60 -41.03 2.72
C GLN B 350 -34.06 -40.84 3.14
N GLY B 351 -34.33 -39.74 3.84
CA GLY B 351 -35.67 -39.47 4.32
C GLY B 351 -36.74 -39.11 3.31
N ASN B 352 -36.36 -39.08 2.03
CA ASN B 352 -37.33 -38.77 0.99
C ASN B 352 -38.07 -37.48 1.38
N TYR B 353 -37.31 -36.49 1.86
CA TYR B 353 -37.85 -35.20 2.29
C TYR B 353 -37.95 -34.14 1.19
N GLY B 354 -37.64 -34.51 -0.04
CA GLY B 354 -37.74 -33.54 -1.13
C GLY B 354 -36.50 -32.72 -1.48
N TYR B 355 -35.34 -33.17 -1.01
CA TYR B 355 -34.08 -32.48 -1.30
C TYR B 355 -33.47 -32.98 -2.61
N GLN B 356 -32.98 -32.08 -3.43
CA GLN B 356 -32.32 -32.49 -4.66
C GLN B 356 -30.82 -32.35 -4.41
N ARG B 357 -30.10 -33.45 -4.53
CA ARG B 357 -28.66 -33.39 -4.32
C ARG B 357 -28.06 -32.92 -5.64
N LEU B 358 -27.61 -31.67 -5.68
CA LEU B 358 -27.01 -31.09 -6.89
C LEU B 358 -25.49 -30.98 -6.83
N TRP B 359 -24.86 -30.81 -7.98
CA TRP B 359 -23.41 -30.74 -8.06
C TRP B 359 -22.91 -29.57 -8.90
N ASN B 360 -21.99 -28.79 -8.33
CA ASN B 360 -21.43 -27.66 -9.06
C ASN B 360 -20.10 -28.15 -9.60
N ASP B 361 -19.99 -28.25 -10.93
CA ASP B 361 -18.77 -28.76 -11.52
C ASP B 361 -17.63 -27.77 -11.63
N LYS B 362 -17.85 -26.52 -11.25
CA LYS B 362 -16.79 -25.50 -11.24
C LYS B 362 -16.12 -25.56 -9.87
N THR B 363 -16.95 -25.47 -8.84
CA THR B 363 -16.46 -25.50 -7.46
C THR B 363 -16.13 -26.91 -6.96
N LYS B 364 -16.60 -27.92 -7.70
CA LYS B 364 -16.38 -29.33 -7.38
C LYS B 364 -16.94 -29.67 -6.01
N THR B 365 -18.12 -29.16 -5.71
CA THR B 365 -18.77 -29.41 -4.43
C THR B 365 -20.25 -29.66 -4.57
N PRO B 366 -20.82 -30.47 -3.65
CA PRO B 366 -22.25 -30.77 -3.68
C PRO B 366 -23.01 -29.73 -2.91
N TYR B 367 -24.32 -29.74 -3.12
CA TYR B 367 -25.20 -28.84 -2.41
C TYR B 367 -26.58 -29.40 -2.54
N LEU B 368 -27.40 -29.08 -1.55
CA LEU B 368 -28.77 -29.52 -1.54
C LEU B 368 -29.65 -28.32 -1.83
N TYR B 369 -30.71 -28.58 -2.58
CA TYR B 369 -31.65 -27.54 -2.90
C TYR B 369 -33.01 -28.10 -2.59
N HIS B 370 -33.75 -27.40 -1.75
CA HIS B 370 -35.08 -27.84 -1.41
C HIS B 370 -36.10 -26.94 -2.06
N ALA B 371 -36.46 -27.26 -3.30
CA ALA B 371 -37.45 -26.45 -4.00
C ALA B 371 -38.79 -26.84 -3.38
N GLN B 372 -39.31 -25.96 -2.53
CA GLN B 372 -40.58 -26.17 -1.84
C GLN B 372 -40.62 -25.25 -0.64
N ASN B 373 -39.49 -25.16 0.05
CA ASN B 373 -39.40 -24.31 1.23
C ASN B 373 -38.27 -23.32 1.05
N GLY B 374 -37.66 -23.34 -0.12
CA GLY B 374 -36.56 -22.43 -0.39
C GLY B 374 -35.41 -22.64 0.58
N LEU B 375 -34.81 -23.83 0.52
CA LEU B 375 -33.68 -24.16 1.39
C LEU B 375 -32.44 -24.46 0.55
N PHE B 376 -31.29 -24.09 1.10
CA PHE B 376 -30.01 -24.33 0.45
C PHE B 376 -29.08 -24.89 1.52
N VAL B 377 -28.33 -25.91 1.15
CA VAL B 377 -27.37 -26.51 2.08
C VAL B 377 -26.05 -26.68 1.36
N THR B 378 -24.99 -26.15 1.94
CA THR B 378 -23.67 -26.30 1.35
C THR B 378 -22.91 -27.25 2.26
N TYR B 379 -22.31 -28.27 1.67
CA TYR B 379 -21.55 -29.29 2.41
C TYR B 379 -20.57 -29.97 1.47
N ASP B 380 -19.81 -30.92 2.02
CA ASP B 380 -18.85 -31.70 1.27
C ASP B 380 -19.16 -33.18 1.45
N ASP B 381 -18.68 -33.99 0.51
CA ASP B 381 -18.90 -35.43 0.58
C ASP B 381 -17.77 -36.21 -0.08
N ALA B 382 -17.91 -37.52 -0.18
CA ALA B 382 -16.84 -38.32 -0.77
C ALA B 382 -16.45 -37.93 -2.19
N GLU B 383 -17.37 -37.31 -2.92
CA GLU B 383 -17.09 -36.92 -4.29
C GLU B 383 -16.29 -35.60 -4.31
N SER B 384 -16.68 -34.62 -3.51
CA SER B 384 -15.89 -33.38 -3.47
C SER B 384 -14.50 -33.70 -2.90
N PHE B 385 -14.40 -34.73 -2.07
CA PHE B 385 -13.12 -35.10 -1.47
C PHE B 385 -12.14 -35.66 -2.49
N LYS B 386 -12.67 -36.19 -3.60
CA LYS B 386 -11.79 -36.71 -4.62
C LYS B 386 -10.98 -35.56 -5.22
N TYR B 387 -11.65 -34.45 -5.50
CA TYR B 387 -10.96 -33.32 -6.12
C TYR B 387 -10.03 -32.67 -5.10
N LYS B 388 -10.45 -32.60 -3.84
CA LYS B 388 -9.55 -31.97 -2.87
C LYS B 388 -8.32 -32.84 -2.60
N ALA B 389 -8.49 -34.15 -2.60
CA ALA B 389 -7.35 -35.04 -2.39
C ALA B 389 -6.37 -34.95 -3.57
N LYS B 390 -6.90 -34.79 -4.78
CA LYS B 390 -6.01 -34.68 -5.95
C LYS B 390 -5.25 -33.36 -5.91
N TYR B 391 -5.93 -32.31 -5.45
CA TYR B 391 -5.33 -30.98 -5.32
C TYR B 391 -4.18 -31.05 -4.30
N ILE B 392 -4.43 -31.72 -3.17
CA ILE B 392 -3.41 -31.88 -2.14
C ILE B 392 -2.19 -32.62 -2.72
N LYS B 393 -2.43 -33.62 -3.56
CA LYS B 393 -1.29 -34.33 -4.15
C LYS B 393 -0.58 -33.44 -5.15
N GLN B 394 -1.33 -32.80 -6.05
CA GLN B 394 -0.78 -31.95 -7.10
C GLN B 394 0.01 -30.76 -6.55
N GLN B 395 -0.53 -30.17 -5.50
CA GLN B 395 0.09 -29.00 -4.88
C GLN B 395 1.16 -29.34 -3.84
N GLN B 396 1.40 -30.64 -3.67
CA GLN B 396 2.38 -31.16 -2.71
C GLN B 396 2.18 -30.64 -1.29
N LEU B 397 0.92 -30.64 -0.86
CA LEU B 397 0.59 -30.19 0.48
C LEU B 397 0.87 -31.33 1.45
N GLY B 398 0.92 -31.03 2.75
CA GLY B 398 1.23 -32.05 3.73
C GLY B 398 0.14 -33.06 3.98
N GLY B 399 -1.10 -32.70 3.66
CA GLY B 399 -2.20 -33.62 3.87
C GLY B 399 -3.51 -32.91 4.00
N VAL B 400 -4.45 -33.59 4.66
CA VAL B 400 -5.77 -33.08 4.89
C VAL B 400 -6.12 -33.05 6.39
N MET B 401 -6.96 -32.10 6.74
CA MET B 401 -7.46 -31.96 8.09
C MET B 401 -8.98 -31.83 7.96
N PHE B 402 -9.70 -32.23 9.01
CA PHE B 402 -11.15 -32.06 8.98
C PHE B 402 -11.76 -31.76 10.35
N TRP B 403 -12.82 -30.96 10.29
CA TRP B 403 -13.63 -30.59 11.46
C TRP B 403 -15.05 -31.12 11.15
N HIS B 404 -15.54 -32.10 11.90
CA HIS B 404 -14.75 -32.85 12.87
C HIS B 404 -15.20 -34.31 12.83
N LEU B 405 -14.36 -35.18 13.35
CA LEU B 405 -14.59 -36.63 13.37
C LEU B 405 -15.98 -37.04 13.87
N GLY B 406 -16.49 -36.36 14.90
CA GLY B 406 -17.79 -36.70 15.42
C GLY B 406 -18.97 -36.46 14.49
N GLN B 407 -18.72 -35.82 13.36
CA GLN B 407 -19.77 -35.53 12.41
C GLN B 407 -19.87 -36.50 11.21
N ASP B 408 -18.96 -37.46 11.15
CA ASP B 408 -18.96 -38.45 10.06
C ASP B 408 -20.15 -39.39 10.28
N ASN B 409 -20.52 -40.17 9.27
CA ASN B 409 -21.62 -41.11 9.49
C ASN B 409 -21.09 -42.31 10.30
N ARG B 410 -21.99 -43.20 10.72
CA ARG B 410 -21.61 -44.34 11.53
C ARG B 410 -20.60 -45.27 10.89
N ASN B 411 -20.65 -45.40 9.57
CA ASN B 411 -19.70 -46.26 8.89
C ASN B 411 -18.35 -45.58 8.72
N GLY B 412 -18.30 -44.29 9.02
CA GLY B 412 -17.05 -43.56 8.86
C GLY B 412 -16.71 -43.39 7.37
N ASP B 413 -17.71 -43.14 6.53
CA ASP B 413 -17.45 -42.98 5.10
C ASP B 413 -16.58 -41.80 4.68
N LEU B 414 -16.72 -40.64 5.34
CA LEU B 414 -15.90 -39.49 4.94
C LEU B 414 -14.43 -39.72 5.26
N LEU B 415 -14.15 -40.25 6.45
CA LEU B 415 -12.75 -40.52 6.79
C LEU B 415 -12.19 -41.64 5.90
N ALA B 416 -12.99 -42.66 5.63
CA ALA B 416 -12.55 -43.75 4.76
C ALA B 416 -12.23 -43.22 3.36
N ALA B 417 -12.99 -42.24 2.90
CA ALA B 417 -12.76 -41.72 1.55
C ALA B 417 -11.42 -41.01 1.49
N LEU B 418 -11.14 -40.19 2.51
CA LEU B 418 -9.87 -39.48 2.53
C LEU B 418 -8.69 -40.44 2.51
N ASP B 419 -8.75 -41.46 3.37
CA ASP B 419 -7.70 -42.47 3.41
C ASP B 419 -7.57 -43.18 2.05
N ARG B 420 -8.71 -43.48 1.43
CA ARG B 420 -8.73 -44.20 0.15
C ARG B 420 -8.01 -43.40 -0.94
N TYR B 421 -8.35 -42.12 -1.05
CA TYR B 421 -7.79 -41.32 -2.12
C TYR B 421 -6.28 -41.14 -2.03
N PHE B 422 -5.73 -41.18 -0.83
CA PHE B 422 -4.28 -41.04 -0.67
C PHE B 422 -3.53 -42.36 -0.67
N ASN B 423 -4.16 -43.42 -0.16
CA ASN B 423 -3.48 -44.68 0.02
C ASN B 423 -3.98 -45.98 -0.62
N ALA B 424 -5.21 -46.00 -1.13
CA ALA B 424 -5.73 -47.23 -1.68
C ALA B 424 -5.08 -47.58 -3.02
N ALA B 425 -4.50 -48.78 -3.10
CA ALA B 425 -3.87 -49.22 -4.34
C ALA B 425 -4.91 -49.38 -5.44
N ASP B 426 -6.15 -49.68 -5.08
CA ASP B 426 -7.14 -49.85 -6.13
C ASP B 426 -7.96 -48.61 -6.46
N TYR B 427 -7.50 -47.44 -6.00
CA TYR B 427 -8.12 -46.17 -6.35
C TYR B 427 -7.16 -45.43 -7.31
N ASP B 428 -7.68 -44.95 -8.43
CA ASP B 428 -6.82 -44.27 -9.41
C ASP B 428 -7.45 -42.98 -9.91
N ASP B 429 -6.92 -41.85 -9.42
CA ASP B 429 -7.45 -40.57 -9.86
C ASP B 429 -6.59 -39.92 -10.95
N SER B 430 -5.82 -40.71 -11.70
CA SER B 430 -4.96 -40.09 -12.73
C SER B 430 -5.74 -39.35 -13.81
N GLN B 431 -6.95 -39.79 -14.09
CA GLN B 431 -7.77 -39.14 -15.11
C GLN B 431 -8.84 -38.23 -14.53
N LEU B 432 -8.80 -37.99 -13.23
CA LEU B 432 -9.81 -37.13 -12.64
C LEU B 432 -9.65 -35.71 -13.16
N ASP B 433 -10.70 -35.19 -13.79
CA ASP B 433 -10.69 -33.84 -14.35
C ASP B 433 -11.00 -32.78 -13.33
N MET B 434 -10.01 -31.95 -13.05
CA MET B 434 -10.16 -30.88 -12.07
C MET B 434 -11.02 -29.69 -12.51
N GLY B 435 -11.58 -29.76 -13.72
CA GLY B 435 -12.46 -28.72 -14.18
C GLY B 435 -11.92 -27.38 -14.65
N THR B 436 -12.85 -26.46 -14.93
CA THR B 436 -12.48 -25.13 -15.41
C THR B 436 -12.84 -24.04 -14.42
N GLY B 437 -13.06 -24.41 -13.17
CA GLY B 437 -13.38 -23.41 -12.16
C GLY B 437 -12.22 -22.43 -12.07
N LEU B 438 -12.49 -21.24 -11.54
CA LEU B 438 -11.50 -20.16 -11.44
C LEU B 438 -10.38 -20.41 -10.42
N ARG B 439 -9.13 -20.34 -10.89
CA ARG B 439 -7.97 -20.53 -10.03
C ARG B 439 -7.60 -19.14 -9.49
N TYR B 440 -6.86 -19.12 -8.36
CA TYR B 440 -6.40 -17.86 -7.77
C TYR B 440 -5.16 -17.48 -8.56
N THR B 441 -5.14 -16.26 -9.09
CA THR B 441 -4.07 -15.75 -9.96
C THR B 441 -2.99 -14.82 -9.38
N GLY B 442 -3.08 -14.46 -8.11
CA GLY B 442 -2.11 -13.56 -7.52
C GLY B 442 -0.66 -14.04 -7.49
N VAL B 443 0.27 -13.11 -7.66
CA VAL B 443 1.68 -13.43 -7.61
C VAL B 443 2.30 -12.43 -6.64
N GLY B 444 3.15 -12.91 -5.73
CA GLY B 444 3.76 -12.01 -4.76
C GLY B 444 5.27 -11.88 -4.84
N PRO B 445 5.84 -10.90 -4.12
CA PRO B 445 7.27 -10.65 -4.09
C PRO B 445 8.01 -11.83 -3.47
N GLY B 446 7.25 -12.74 -2.85
CA GLY B 446 7.87 -13.88 -2.21
C GLY B 446 7.80 -15.17 -3.01
N ASN B 447 7.10 -15.14 -4.14
CA ASN B 447 6.96 -16.34 -4.99
C ASN B 447 7.21 -15.99 -6.47
N LEU B 448 8.24 -15.18 -6.70
CA LEU B 448 8.58 -14.76 -8.06
C LEU B 448 9.01 -15.89 -9.00
N PRO B 449 8.48 -15.90 -10.23
CA PRO B 449 8.86 -16.96 -11.18
C PRO B 449 10.24 -16.65 -11.73
N ILE B 450 10.92 -17.70 -12.15
CA ILE B 450 12.21 -17.54 -12.76
C ILE B 450 11.95 -16.80 -14.08
N MET B 451 12.76 -15.79 -14.38
CA MET B 451 12.57 -15.03 -15.60
C MET B 451 13.91 -14.71 -16.24
N THR B 452 13.84 -14.31 -17.50
CA THR B 452 15.06 -14.01 -18.24
C THR B 452 14.92 -12.67 -18.94
N ALA B 453 15.90 -11.80 -18.75
CA ALA B 453 15.86 -10.51 -19.40
C ALA B 453 17.26 -9.98 -19.65
N PRO B 454 17.39 -9.15 -20.70
CA PRO B 454 18.70 -8.57 -21.03
C PRO B 454 19.17 -7.77 -19.84
N ALA B 455 20.45 -7.83 -19.51
CA ALA B 455 20.93 -7.09 -18.36
C ALA B 455 20.61 -5.61 -18.51
N TYR B 456 20.45 -4.93 -17.37
CA TYR B 456 20.15 -3.50 -17.37
C TYR B 456 21.33 -2.76 -17.99
N VAL B 457 21.03 -1.72 -18.77
CA VAL B 457 22.10 -0.95 -19.40
C VAL B 457 21.96 0.54 -19.10
N PRO B 458 22.77 1.05 -18.16
CA PRO B 458 22.74 2.47 -17.79
C PRO B 458 22.84 3.35 -19.05
N GLY B 459 21.95 4.34 -19.15
CA GLY B 459 22.00 5.22 -20.31
C GLY B 459 20.99 4.84 -21.38
N THR B 460 20.17 3.83 -21.08
CA THR B 460 19.15 3.39 -22.03
C THR B 460 17.80 3.95 -21.60
N THR B 461 16.90 4.12 -22.57
CA THR B 461 15.56 4.63 -22.28
C THR B 461 14.51 3.52 -22.51
N TYR B 462 13.94 3.03 -21.41
CA TYR B 462 12.95 1.96 -21.43
C TYR B 462 11.57 2.48 -21.15
N ALA B 463 10.89 1.78 -20.22
CA ALA B 463 9.54 2.10 -19.77
C ALA B 463 8.42 1.28 -20.42
N GLN B 464 7.28 1.33 -19.73
CA GLN B 464 6.06 0.65 -20.11
C GLN B 464 6.19 -0.83 -20.47
N GLY B 465 6.41 -1.65 -19.45
CA GLY B 465 6.53 -3.07 -19.67
C GLY B 465 7.92 -3.55 -20.03
N ALA B 466 8.90 -2.65 -19.96
CA ALA B 466 10.29 -2.98 -20.26
C ALA B 466 10.86 -3.92 -19.21
N LEU B 467 11.32 -5.09 -19.66
CA LEU B 467 11.89 -6.08 -18.76
C LEU B 467 13.41 -6.15 -18.87
N VAL B 468 14.09 -6.07 -17.73
CA VAL B 468 15.54 -6.17 -17.69
C VAL B 468 15.96 -6.96 -16.46
N SER B 469 17.17 -7.50 -16.47
CA SER B 469 17.68 -8.24 -15.33
C SER B 469 18.71 -7.36 -14.65
N TYR B 470 18.73 -7.40 -13.33
CA TYR B 470 19.66 -6.57 -12.60
C TYR B 470 19.71 -7.05 -11.16
N GLN B 471 20.94 -7.23 -10.67
CA GLN B 471 21.21 -7.68 -9.31
C GLN B 471 20.39 -8.87 -8.79
N GLY B 472 20.24 -9.90 -9.62
CA GLY B 472 19.51 -11.09 -9.20
C GLY B 472 18.01 -11.14 -9.49
N TYR B 473 17.45 -10.05 -10.02
CA TYR B 473 16.04 -10.06 -10.33
C TYR B 473 15.75 -9.49 -11.70
N VAL B 474 14.56 -9.83 -12.18
CA VAL B 474 14.09 -9.32 -13.45
C VAL B 474 13.09 -8.24 -13.01
N TRP B 475 13.25 -7.04 -13.59
CA TRP B 475 12.41 -5.90 -13.24
C TRP B 475 11.65 -5.39 -14.43
N GLN B 476 10.52 -4.75 -14.18
CA GLN B 476 9.72 -4.18 -15.26
C GLN B 476 9.41 -2.70 -14.97
N THR B 477 9.46 -1.89 -16.02
CA THR B 477 9.19 -0.46 -15.89
C THR B 477 7.70 -0.22 -15.70
N LYS B 478 7.36 0.73 -14.84
CA LYS B 478 5.96 1.07 -14.58
C LYS B 478 5.55 2.34 -15.32
N TRP B 479 6.47 3.28 -15.46
CA TRP B 479 6.20 4.58 -16.09
C TRP B 479 7.42 5.27 -16.73
N GLY B 480 7.32 6.60 -16.78
CA GLY B 480 8.36 7.48 -17.31
C GLY B 480 9.31 6.77 -18.23
N TYR B 481 10.61 6.88 -18.00
CA TYR B 481 11.55 6.20 -18.87
C TYR B 481 12.83 5.53 -18.31
N ILE B 482 13.81 6.26 -17.73
CA ILE B 482 15.00 5.55 -17.22
C ILE B 482 15.95 5.91 -16.08
N THR B 483 16.76 6.98 -16.23
CA THR B 483 17.79 7.39 -15.24
C THR B 483 17.72 6.83 -13.82
N SER B 484 17.47 5.54 -13.73
CA SER B 484 17.37 4.85 -12.47
C SER B 484 17.73 3.40 -12.68
N ALA B 485 18.55 2.88 -11.77
CA ALA B 485 18.97 1.50 -11.84
C ALA B 485 17.78 0.79 -11.20
N PRO B 486 17.36 -0.36 -11.75
CA PRO B 486 16.22 -1.04 -11.12
C PRO B 486 16.42 -1.13 -9.62
N GLY B 487 15.41 -0.77 -8.87
CA GLY B 487 15.50 -0.82 -7.41
C GLY B 487 15.97 0.49 -6.81
N SER B 488 16.44 1.41 -7.64
CA SER B 488 16.95 2.71 -7.16
C SER B 488 15.85 3.74 -6.90
N ASP B 489 14.63 3.44 -7.35
CA ASP B 489 13.51 4.35 -7.17
C ASP B 489 12.17 3.60 -7.08
N SER B 490 11.10 4.23 -7.54
CA SER B 490 9.79 3.59 -7.47
C SER B 490 9.36 3.13 -8.84
N ALA B 491 10.19 3.36 -9.85
CA ALA B 491 9.85 3.05 -11.23
C ALA B 491 9.89 1.62 -11.65
N TRP B 492 10.70 0.81 -10.98
CA TRP B 492 10.82 -0.59 -11.36
C TRP B 492 10.11 -1.59 -10.46
N LEU B 493 9.42 -2.54 -11.10
CA LEU B 493 8.69 -3.57 -10.37
C LEU B 493 9.46 -4.88 -10.45
N LYS B 494 9.74 -5.47 -9.30
CA LYS B 494 10.45 -6.75 -9.26
C LYS B 494 9.40 -7.79 -9.69
N VAL B 495 9.64 -8.47 -10.81
CA VAL B 495 8.66 -9.45 -11.33
C VAL B 495 9.14 -10.88 -11.51
N GLY B 496 10.44 -11.09 -11.42
CA GLY B 496 10.96 -12.44 -11.58
C GLY B 496 12.33 -12.57 -10.98
N ARG B 497 12.78 -13.82 -10.82
CA ARG B 497 14.11 -14.10 -10.29
C ARG B 497 15.05 -14.50 -11.41
N VAL B 498 16.31 -14.14 -11.30
CA VAL B 498 17.32 -14.52 -12.29
C VAL B 498 17.87 -15.89 -11.82
N ARG B 499 18.36 -16.70 -12.75
CA ARG B 499 18.88 -18.03 -12.38
C ARG B 499 20.34 -18.18 -12.03
#